data_7NDZ
#
_entry.id   7NDZ
#
_cell.length_a   55.080
_cell.length_b   117.560
_cell.length_c   142.190
_cell.angle_alpha   90.00
_cell.angle_beta   90.00
_cell.angle_gamma   90.00
#
_symmetry.space_group_name_H-M   'P 21 21 21'
#
loop_
_entity.id
_entity.type
_entity.pdbx_description
1 polymer 'Flavin-dependent thymidylate synthase'
2 non-polymer 'TRIETHYLENE GLYCOL'
3 non-polymer '[[(2R,3S,4R,5R)-5-(6-aminopurin-9-yl)-3,4-bis(oxidanyl)oxolan-2-yl]methoxy-oxidanyl-phosphoryl] [(2R,3S,4S)-5-[5-methanoyl-7,8-dimethyl-2,4-bis(oxidanylidene)-1H-benzo[g]pteridin-10-yl]-2,3,4-tris(oxidanyl)pentyl] hydrogen phosphate'
4 non-polymer 'DIHYDROFLAVINE-ADENINE DINUCLEOTIDE'
5 non-polymer DI(HYDROXYETHYL)ETHER
6 water water
#
_entity_poly.entity_id   1
_entity_poly.type   'polypeptide(L)'
_entity_poly.pdbx_seq_one_letter_code
;MGSDKIHHHHHHMKIDILDKGFVELVDVMGNDLSAVRAARVSFDMGLKDEERDRHLIEYLMKHGHETPFEHIVFTFHVKA
PIFVARQWFRHRIASYNELSGRYSKLSYEFYIPSPERLEGYKTTIPPERVTEKISEIVDKAYRTYLELIESGVPREVARI
VLPLNLYTRFFWTVNARSLMNFLNLRADSHAQWEIQQYALAIARIFKEKCPWTFEAFLKYAYKGDILKEVQV
;
_entity_poly.pdbx_strand_id   A,B,C,D
#
# COMPACT_ATOMS: atom_id res chain seq x y z
N HIS A 12 13.74 13.97 -23.72
CA HIS A 12 13.17 12.84 -23.00
C HIS A 12 13.76 11.52 -23.51
N MET A 13 14.24 10.67 -22.57
CA MET A 13 14.78 9.34 -22.89
C MET A 13 13.65 8.45 -23.39
N LYS A 14 13.82 7.88 -24.60
CA LYS A 14 12.84 6.98 -25.19
C LYS A 14 13.51 5.73 -25.77
N ILE A 15 13.18 4.57 -25.22
CA ILE A 15 13.72 3.29 -25.67
C ILE A 15 12.58 2.50 -26.32
N ASP A 16 12.74 2.12 -27.59
CA ASP A 16 11.74 1.35 -28.33
C ASP A 16 11.82 -0.11 -27.96
N ILE A 17 10.67 -0.72 -27.66
CA ILE A 17 10.55 -2.12 -27.26
C ILE A 17 9.61 -2.85 -28.21
N LEU A 18 9.95 -4.09 -28.61
CA LEU A 18 9.17 -4.93 -29.52
C LEU A 18 8.94 -4.26 -30.90
N ASP A 19 7.89 -4.65 -31.65
CA ASP A 19 7.62 -4.12 -32.99
C ASP A 19 7.05 -2.70 -33.02
N LYS A 20 6.17 -2.32 -32.06
CA LYS A 20 5.54 -0.98 -32.07
C LYS A 20 5.54 -0.27 -30.69
N GLY A 21 6.17 -0.88 -29.69
CA GLY A 21 6.18 -0.37 -28.33
C GLY A 21 7.36 0.49 -27.91
N PHE A 22 7.24 1.13 -26.74
CA PHE A 22 8.28 2.00 -26.16
C PHE A 22 8.16 2.17 -24.65
N VAL A 23 9.21 2.79 -24.06
CA VAL A 23 9.33 3.21 -22.66
C VAL A 23 9.94 4.60 -22.75
N GLU A 24 9.19 5.61 -22.29
CA GLU A 24 9.62 7.01 -22.36
C GLU A 24 9.65 7.62 -20.97
N LEU A 25 10.76 8.28 -20.58
CA LEU A 25 10.83 8.92 -19.27
C LEU A 25 10.15 10.31 -19.33
N VAL A 26 9.05 10.46 -18.57
CA VAL A 26 8.25 11.67 -18.51
C VAL A 26 8.86 12.67 -17.53
N ASP A 27 9.09 12.23 -16.29
CA ASP A 27 9.64 13.05 -15.21
C ASP A 27 10.36 12.19 -14.16
N VAL A 28 11.16 12.84 -13.33
CA VAL A 28 11.91 12.21 -12.25
C VAL A 28 12.05 13.22 -11.10
N MET A 29 12.02 12.71 -9.86
CA MET A 29 12.25 13.49 -8.65
C MET A 29 13.44 12.88 -7.94
N GLY A 30 14.45 13.72 -7.73
CA GLY A 30 15.66 13.34 -7.03
C GLY A 30 16.66 12.54 -7.83
N ASN A 31 17.75 12.17 -7.14
CA ASN A 31 18.89 11.42 -7.66
C ASN A 31 19.41 10.53 -6.54
N ASP A 32 20.68 10.06 -6.61
CA ASP A 32 21.28 9.22 -5.57
C ASP A 32 21.34 9.94 -4.21
N LEU A 33 21.56 11.28 -4.23
CA LEU A 33 21.67 12.13 -3.03
C LEU A 33 20.35 12.32 -2.31
N SER A 34 19.21 12.08 -3.00
CA SER A 34 17.88 12.16 -2.40
C SER A 34 17.74 11.05 -1.35
N ALA A 35 18.33 9.86 -1.63
CA ALA A 35 18.39 8.71 -0.75
C ALA A 35 19.39 8.95 0.40
N VAL A 36 20.50 9.69 0.13
CA VAL A 36 21.53 10.04 1.13
C VAL A 36 20.93 11.02 2.16
N ARG A 37 20.26 12.10 1.67
CA ARG A 37 19.58 13.13 2.48
C ARG A 37 18.52 12.52 3.38
N ALA A 38 17.72 11.56 2.84
CA ALA A 38 16.66 10.86 3.57
C ALA A 38 17.22 9.90 4.61
N ALA A 39 18.37 9.25 4.34
CA ALA A 39 18.99 8.32 5.28
C ALA A 39 19.64 9.07 6.45
N ARG A 40 20.21 10.25 6.18
CA ARG A 40 20.85 11.03 7.23
C ARG A 40 19.86 11.98 7.93
N VAL A 41 18.72 12.29 7.28
CA VAL A 41 17.65 13.20 7.75
C VAL A 41 18.22 14.62 8.06
N SER A 42 18.44 15.41 6.99
CA SER A 42 18.95 16.80 7.02
C SER A 42 18.91 17.37 5.61
N PHE A 43 18.26 18.54 5.43
CA PHE A 43 18.17 19.15 4.11
C PHE A 43 19.47 19.90 3.74
N ASP A 44 20.41 19.19 3.06
CA ASP A 44 21.74 19.64 2.63
C ASP A 44 22.62 20.08 3.80
N ASP A 49 30.72 15.02 0.84
CA ASP A 49 31.83 14.30 0.21
C ASP A 49 31.27 13.20 -0.69
N GLU A 50 31.58 13.27 -2.02
CA GLU A 50 31.13 12.32 -3.05
C GLU A 50 31.43 10.87 -2.68
N GLU A 51 32.66 10.57 -2.21
CA GLU A 51 33.09 9.22 -1.82
C GLU A 51 32.32 8.71 -0.60
N ARG A 52 32.10 9.59 0.42
CA ARG A 52 31.37 9.27 1.64
C ARG A 52 29.88 9.06 1.38
N ASP A 53 29.30 9.84 0.43
CA ASP A 53 27.91 9.74 0.03
C ASP A 53 27.62 8.47 -0.75
N ARG A 54 28.53 8.09 -1.68
CA ARG A 54 28.43 6.87 -2.49
C ARG A 54 28.64 5.64 -1.63
N HIS A 55 29.47 5.76 -0.58
CA HIS A 55 29.76 4.71 0.39
C HIS A 55 28.51 4.42 1.24
N LEU A 56 27.69 5.47 1.51
CA LEU A 56 26.45 5.33 2.26
C LEU A 56 25.45 4.54 1.43
N ILE A 57 25.33 4.84 0.11
CA ILE A 57 24.47 4.17 -0.88
C ILE A 57 24.75 2.66 -0.89
N GLU A 58 26.06 2.28 -0.88
CA GLU A 58 26.51 0.88 -0.85
C GLU A 58 26.23 0.24 0.50
N TYR A 59 26.33 1.01 1.62
CA TYR A 59 26.04 0.53 2.98
C TYR A 59 24.53 0.23 3.15
N LEU A 60 23.66 1.18 2.73
CA LEU A 60 22.19 1.06 2.80
C LEU A 60 21.72 -0.13 1.98
N MET A 61 22.32 -0.32 0.80
CA MET A 61 22.00 -1.42 -0.11
C MET A 61 22.43 -2.78 0.48
N LYS A 62 23.71 -2.93 0.87
CA LYS A 62 24.22 -4.21 1.39
C LYS A 62 23.63 -4.63 2.76
N HIS A 63 23.04 -3.68 3.51
CA HIS A 63 22.43 -4.00 4.81
C HIS A 63 20.89 -4.00 4.79
N GLY A 64 20.29 -3.89 3.60
CA GLY A 64 18.85 -3.93 3.42
C GLY A 64 18.05 -2.73 3.91
N HIS A 65 18.69 -1.55 4.01
CA HIS A 65 18.05 -0.29 4.41
C HIS A 65 17.45 0.29 3.12
N GLU A 66 16.23 -0.15 2.81
CA GLU A 66 15.54 0.19 1.57
C GLU A 66 14.68 1.46 1.60
N THR A 67 14.19 1.90 2.78
CA THR A 67 13.30 3.07 2.90
C THR A 67 13.89 4.38 2.33
N PRO A 68 15.22 4.72 2.44
CA PRO A 68 15.71 5.97 1.86
C PRO A 68 15.52 6.08 0.34
N PHE A 69 15.45 4.92 -0.37
CA PHE A 69 15.29 4.83 -1.83
C PHE A 69 13.86 5.13 -2.32
N GLU A 70 12.89 5.18 -1.40
CA GLU A 70 11.50 5.51 -1.70
C GLU A 70 11.33 7.01 -2.01
N HIS A 71 12.36 7.81 -1.71
CA HIS A 71 12.38 9.27 -1.88
C HIS A 71 12.84 9.71 -3.31
N ILE A 72 13.17 8.74 -4.18
CA ILE A 72 13.51 8.93 -5.59
C ILE A 72 12.31 8.38 -6.36
N VAL A 73 11.57 9.25 -7.06
CA VAL A 73 10.36 8.85 -7.79
C VAL A 73 10.55 9.09 -9.31
N PHE A 74 9.97 8.21 -10.15
CA PHE A 74 10.02 8.27 -11.62
C PHE A 74 8.62 8.25 -12.23
N THR A 75 8.42 8.91 -13.37
CA THR A 75 7.18 8.87 -14.16
C THR A 75 7.54 8.43 -15.58
N PHE A 76 6.98 7.29 -16.01
CA PHE A 76 7.22 6.73 -17.33
C PHE A 76 5.94 6.73 -18.15
N HIS A 77 6.11 6.73 -19.48
CA HIS A 77 5.05 6.60 -20.46
C HIS A 77 5.39 5.32 -21.22
N VAL A 78 4.56 4.28 -21.04
CA VAL A 78 4.79 2.95 -21.64
C VAL A 78 3.69 2.61 -22.63
N LYS A 79 4.08 2.07 -23.79
CA LYS A 79 3.19 1.56 -24.84
C LYS A 79 3.56 0.08 -24.94
N ALA A 80 2.72 -0.75 -24.32
CA ALA A 80 2.92 -2.19 -24.22
C ALA A 80 1.65 -2.97 -24.61
N PRO A 81 1.79 -4.24 -25.11
CA PRO A 81 0.59 -5.03 -25.43
C PRO A 81 -0.15 -5.43 -24.15
N ILE A 82 -1.49 -5.53 -24.19
CA ILE A 82 -2.34 -5.84 -23.03
C ILE A 82 -1.80 -6.99 -22.15
N PHE A 83 -1.32 -8.10 -22.73
CA PHE A 83 -0.81 -9.24 -21.93
C PHE A 83 0.40 -8.87 -21.08
N VAL A 84 1.21 -7.88 -21.54
CA VAL A 84 2.40 -7.37 -20.86
C VAL A 84 1.95 -6.41 -19.74
N ALA A 85 1.01 -5.51 -20.06
CA ALA A 85 0.40 -4.56 -19.12
C ALA A 85 -0.28 -5.31 -17.97
N ARG A 86 -0.96 -6.45 -18.26
CA ARG A 86 -1.59 -7.27 -17.23
C ARG A 86 -0.59 -7.79 -16.20
N GLN A 87 0.64 -8.14 -16.63
CA GLN A 87 1.70 -8.62 -15.75
C GLN A 87 2.32 -7.46 -14.95
N TRP A 88 2.46 -6.29 -15.62
CA TRP A 88 3.02 -5.07 -15.06
C TRP A 88 2.13 -4.50 -13.96
N PHE A 89 0.83 -4.34 -14.24
CA PHE A 89 -0.19 -3.76 -13.34
C PHE A 89 -0.42 -4.57 -12.05
N ARG A 90 0.21 -5.76 -11.94
CA ARG A 90 0.18 -6.61 -10.74
C ARG A 90 1.06 -5.97 -9.65
N HIS A 91 1.94 -5.03 -10.04
CA HIS A 91 2.81 -4.29 -9.14
C HIS A 91 1.98 -3.14 -8.53
N ARG A 92 1.35 -3.42 -7.38
CA ARG A 92 0.44 -2.56 -6.63
C ARG A 92 1.07 -1.33 -6.02
N ILE A 93 2.37 -1.40 -5.64
CA ILE A 93 3.05 -0.25 -5.01
C ILE A 93 3.59 0.69 -6.13
N ALA A 94 2.64 1.32 -6.83
CA ALA A 94 2.90 2.25 -7.93
C ALA A 94 1.59 2.97 -8.31
N SER A 95 1.70 3.97 -9.20
CA SER A 95 0.55 4.75 -9.70
C SER A 95 0.39 4.49 -11.20
N TYR A 96 -0.83 4.17 -11.63
CA TYR A 96 -1.13 3.87 -13.03
C TYR A 96 -2.25 4.74 -13.59
N ASN A 97 -2.18 5.00 -14.90
CA ASN A 97 -3.20 5.72 -15.67
C ASN A 97 -3.09 5.23 -17.08
N GLU A 98 -4.09 4.44 -17.51
CA GLU A 98 -4.15 3.79 -18.82
C GLU A 98 -5.26 4.36 -19.70
N LEU A 99 -5.17 4.13 -21.04
CA LEU A 99 -6.18 4.51 -22.05
C LEU A 99 -7.45 3.67 -21.82
N SER A 100 -8.63 4.29 -21.82
CA SER A 100 -9.90 3.56 -21.63
C SER A 100 -10.32 2.86 -22.92
N GLY A 101 -10.42 1.53 -22.89
CA GLY A 101 -10.87 0.76 -24.06
C GLY A 101 -12.33 1.00 -24.42
N ARG A 102 -13.12 1.46 -23.44
CA ARG A 102 -14.55 1.76 -23.54
C ARG A 102 -14.84 3.12 -24.18
N TYR A 103 -13.92 4.11 -24.03
CA TYR A 103 -14.12 5.48 -24.51
C TYR A 103 -12.99 6.09 -25.33
N SER A 104 -11.71 5.84 -24.94
CA SER A 104 -10.52 6.41 -25.61
C SER A 104 -10.31 5.85 -27.02
N LYS A 105 -10.02 6.75 -27.99
CA LYS A 105 -9.78 6.38 -29.38
C LYS A 105 -8.38 5.76 -29.54
N LEU A 106 -8.31 4.42 -29.47
CA LEU A 106 -7.06 3.67 -29.61
C LEU A 106 -6.56 3.70 -31.06
N SER A 107 -5.25 3.49 -31.26
CA SER A 107 -4.62 3.48 -32.60
C SER A 107 -4.92 2.17 -33.33
N TYR A 108 -5.14 1.10 -32.54
CA TYR A 108 -5.40 -0.27 -32.97
C TYR A 108 -4.16 -0.88 -33.65
N GLU A 109 -3.09 -1.00 -32.84
CA GLU A 109 -1.81 -1.59 -33.19
C GLU A 109 -1.67 -2.86 -32.38
N PHE A 110 -1.02 -3.88 -32.96
CA PHE A 110 -0.91 -5.20 -32.35
C PHE A 110 0.51 -5.74 -32.35
N TYR A 111 0.87 -6.54 -31.34
CA TYR A 111 2.21 -7.12 -31.28
C TYR A 111 2.30 -8.41 -32.07
N ILE A 112 3.02 -8.36 -33.20
CA ILE A 112 3.23 -9.53 -34.05
C ILE A 112 4.67 -10.03 -33.80
N PRO A 113 4.85 -11.17 -33.10
CA PRO A 113 6.23 -11.65 -32.84
C PRO A 113 6.97 -11.99 -34.12
N SER A 114 8.26 -11.66 -34.19
CA SER A 114 9.08 -11.98 -35.36
C SER A 114 9.44 -13.47 -35.33
N PRO A 115 9.80 -14.13 -36.46
CA PRO A 115 10.15 -15.56 -36.40
C PRO A 115 11.28 -15.89 -35.42
N GLU A 116 12.14 -14.90 -35.14
CA GLU A 116 13.28 -15.00 -34.22
C GLU A 116 12.87 -15.24 -32.75
N ARG A 117 11.61 -14.92 -32.38
CA ARG A 117 11.02 -15.12 -31.05
C ARG A 117 10.88 -16.63 -30.76
N LEU A 118 10.64 -17.43 -31.81
CA LEU A 118 10.47 -18.87 -31.72
C LEU A 118 11.78 -19.66 -31.87
N GLU A 119 12.93 -18.96 -31.94
CA GLU A 119 14.26 -19.58 -32.03
C GLU A 119 14.56 -20.33 -30.74
N GLY A 120 14.90 -21.60 -30.89
CA GLY A 120 15.18 -22.49 -29.76
C GLY A 120 14.16 -23.61 -29.69
N TYR A 121 12.88 -23.26 -29.90
CA TYR A 121 11.77 -24.21 -29.89
C TYR A 121 11.71 -24.91 -31.25
N LYS A 122 11.53 -26.24 -31.25
CA LYS A 122 11.40 -27.00 -32.49
C LYS A 122 9.91 -27.05 -32.82
N THR A 123 9.53 -26.43 -33.94
CA THR A 123 8.13 -26.35 -34.38
C THR A 123 7.85 -27.15 -35.66
N THR A 124 6.64 -27.75 -35.76
CA THR A 124 6.21 -28.53 -36.94
C THR A 124 6.05 -27.61 -38.15
N ILE A 125 5.52 -26.40 -37.92
CA ILE A 125 5.34 -25.37 -38.95
C ILE A 125 6.50 -24.36 -38.85
N PRO A 126 6.94 -23.70 -39.95
CA PRO A 126 8.07 -22.75 -39.84
C PRO A 126 7.76 -21.54 -38.95
N PRO A 127 8.77 -20.94 -38.25
CA PRO A 127 8.49 -19.78 -37.38
C PRO A 127 7.81 -18.61 -38.11
N GLU A 128 8.08 -18.48 -39.43
CA GLU A 128 7.49 -17.46 -40.30
C GLU A 128 5.98 -17.70 -40.49
N ARG A 129 5.53 -18.97 -40.42
CA ARG A 129 4.12 -19.35 -40.53
C ARG A 129 3.36 -19.00 -39.24
N VAL A 130 4.06 -19.05 -38.08
CA VAL A 130 3.53 -18.70 -36.75
C VAL A 130 3.22 -17.19 -36.75
N THR A 131 4.18 -16.37 -37.27
CA THR A 131 4.09 -14.92 -37.44
C THR A 131 2.88 -14.56 -38.33
N GLU A 132 2.71 -15.33 -39.44
CA GLU A 132 1.63 -15.19 -40.41
C GLU A 132 0.26 -15.51 -39.80
N LYS A 133 0.18 -16.62 -39.03
CA LYS A 133 -1.04 -17.05 -38.34
C LYS A 133 -1.49 -16.04 -37.25
N ILE A 134 -0.53 -15.37 -36.56
CA ILE A 134 -0.81 -14.34 -35.56
C ILE A 134 -1.38 -13.09 -36.25
N SER A 135 -0.77 -12.67 -37.39
CA SER A 135 -1.21 -11.52 -38.21
C SER A 135 -2.61 -11.75 -38.78
N GLU A 136 -2.88 -13.00 -39.24
CA GLU A 136 -4.11 -13.48 -39.84
C GLU A 136 -5.29 -13.30 -38.88
N ILE A 137 -5.14 -13.81 -37.65
CA ILE A 137 -6.17 -13.77 -36.63
C ILE A 137 -6.36 -12.35 -36.01
N VAL A 138 -5.30 -11.49 -36.00
CA VAL A 138 -5.48 -10.13 -35.48
C VAL A 138 -6.24 -9.28 -36.50
N ASP A 139 -6.04 -9.55 -37.81
CA ASP A 139 -6.73 -8.86 -38.91
C ASP A 139 -8.21 -9.25 -38.90
N LYS A 140 -8.48 -10.56 -38.71
CA LYS A 140 -9.84 -11.10 -38.65
C LYS A 140 -10.60 -10.54 -37.45
N ALA A 141 -9.94 -10.47 -36.27
CA ALA A 141 -10.49 -9.94 -35.02
C ALA A 141 -10.75 -8.45 -35.09
N TYR A 142 -9.82 -7.69 -35.71
CA TYR A 142 -9.94 -6.24 -35.87
C TYR A 142 -11.05 -5.86 -36.85
N ARG A 143 -11.19 -6.64 -37.95
CA ARG A 143 -12.22 -6.43 -38.97
C ARG A 143 -13.62 -6.70 -38.38
N THR A 144 -13.73 -7.76 -37.54
CA THR A 144 -14.96 -8.13 -36.83
C THR A 144 -15.35 -7.00 -35.87
N TYR A 145 -14.36 -6.40 -35.18
CA TYR A 145 -14.52 -5.28 -34.25
C TYR A 145 -15.11 -4.05 -34.96
N LEU A 146 -14.50 -3.65 -36.09
CA LEU A 146 -14.94 -2.50 -36.89
C LEU A 146 -16.35 -2.72 -37.45
N GLU A 147 -16.65 -3.97 -37.89
CA GLU A 147 -17.97 -4.36 -38.41
C GLU A 147 -19.06 -4.20 -37.34
N LEU A 148 -18.74 -4.55 -36.07
CA LEU A 148 -19.65 -4.42 -34.92
C LEU A 148 -19.81 -2.95 -34.55
N ILE A 149 -18.71 -2.19 -34.55
CA ILE A 149 -18.69 -0.74 -34.26
C ILE A 149 -19.54 0.03 -35.29
N GLU A 150 -19.38 -0.30 -36.58
CA GLU A 150 -20.13 0.31 -37.68
C GLU A 150 -21.61 -0.04 -37.60
N SER A 151 -21.95 -1.26 -37.15
CA SER A 151 -23.34 -1.71 -37.03
C SER A 151 -24.08 -1.15 -35.79
N GLY A 152 -23.37 -0.42 -34.92
CA GLY A 152 -23.98 0.21 -33.75
C GLY A 152 -23.70 -0.37 -32.39
N VAL A 153 -22.85 -1.41 -32.30
CA VAL A 153 -22.48 -2.07 -31.04
C VAL A 153 -21.59 -1.10 -30.21
N PRO A 154 -21.91 -0.81 -28.92
CA PRO A 154 -21.04 0.09 -28.13
C PRO A 154 -19.60 -0.44 -27.97
N ARG A 155 -18.60 0.47 -27.96
CA ARG A 155 -17.15 0.18 -27.84
C ARG A 155 -16.82 -0.87 -26.78
N GLU A 156 -17.38 -0.72 -25.56
CA GLU A 156 -17.19 -1.61 -24.41
C GLU A 156 -17.58 -3.08 -24.67
N VAL A 157 -18.52 -3.34 -25.59
CA VAL A 157 -18.98 -4.69 -25.96
C VAL A 157 -18.20 -5.22 -27.18
N ALA A 158 -18.05 -4.41 -28.23
CA ALA A 158 -17.35 -4.80 -29.45
C ALA A 158 -15.87 -5.09 -29.24
N ARG A 159 -15.21 -4.40 -28.31
CA ARG A 159 -13.79 -4.55 -28.02
C ARG A 159 -13.40 -5.88 -27.40
N ILE A 160 -14.34 -6.62 -26.80
CA ILE A 160 -14.10 -7.90 -26.12
C ILE A 160 -13.59 -8.99 -27.09
N VAL A 161 -13.76 -8.78 -28.41
CA VAL A 161 -13.30 -9.72 -29.44
C VAL A 161 -11.80 -9.52 -29.81
N LEU A 162 -11.23 -8.37 -29.42
CA LEU A 162 -9.84 -8.00 -29.73
C LEU A 162 -8.82 -8.87 -28.97
N PRO A 163 -7.70 -9.29 -29.61
CA PRO A 163 -6.74 -10.17 -28.91
C PRO A 163 -5.91 -9.49 -27.81
N LEU A 164 -5.22 -10.33 -27.02
CA LEU A 164 -4.36 -9.92 -25.91
C LEU A 164 -3.06 -9.22 -26.33
N ASN A 165 -2.69 -9.30 -27.61
CA ASN A 165 -1.48 -8.67 -28.12
C ASN A 165 -1.71 -7.19 -28.52
N LEU A 166 -2.95 -6.68 -28.40
CA LEU A 166 -3.32 -5.30 -28.71
C LEU A 166 -2.53 -4.33 -27.85
N TYR A 167 -1.93 -3.32 -28.48
CA TYR A 167 -1.16 -2.28 -27.78
C TYR A 167 -2.03 -1.33 -26.95
N THR A 168 -1.53 -0.99 -25.75
CA THR A 168 -2.12 -0.02 -24.82
C THR A 168 -1.05 0.97 -24.35
N ARG A 169 -1.48 2.13 -23.86
CA ARG A 169 -0.58 3.15 -23.32
C ARG A 169 -0.96 3.51 -21.89
N PHE A 170 0.06 3.65 -21.04
CA PHE A 170 -0.14 4.00 -19.64
C PHE A 170 0.99 4.86 -19.07
N PHE A 171 0.70 5.52 -17.94
CA PHE A 171 1.62 6.35 -17.18
C PHE A 171 1.97 5.60 -15.91
N TRP A 172 3.27 5.45 -15.63
CA TRP A 172 3.73 4.72 -14.46
C TRP A 172 4.57 5.58 -13.53
N THR A 173 4.03 5.91 -12.34
CA THR A 173 4.73 6.66 -11.28
C THR A 173 5.13 5.62 -10.23
N VAL A 174 6.45 5.39 -10.10
CA VAL A 174 7.01 4.39 -9.20
C VAL A 174 8.27 4.93 -8.47
N ASN A 175 8.45 4.58 -7.16
CA ASN A 175 9.65 4.97 -6.42
C ASN A 175 10.78 3.97 -6.68
N ALA A 176 12.06 4.37 -6.42
CA ALA A 176 13.21 3.51 -6.68
C ALA A 176 13.12 2.14 -5.99
N ARG A 177 12.52 2.07 -4.79
CA ARG A 177 12.36 0.82 -4.04
C ARG A 177 11.45 -0.17 -4.78
N SER A 178 10.26 0.28 -5.19
CA SER A 178 9.30 -0.55 -5.92
C SER A 178 9.81 -0.86 -7.32
N LEU A 179 10.60 0.07 -7.92
CA LEU A 179 11.23 -0.10 -9.23
C LEU A 179 12.29 -1.22 -9.13
N MET A 180 13.04 -1.28 -8.00
CA MET A 180 14.05 -2.31 -7.77
C MET A 180 13.43 -3.69 -7.56
N ASN A 181 12.19 -3.74 -7.00
CA ASN A 181 11.43 -4.98 -6.83
C ASN A 181 10.96 -5.48 -8.21
N PHE A 182 10.43 -4.56 -9.05
CA PHE A 182 9.98 -4.84 -10.43
C PHE A 182 11.16 -5.44 -11.21
N LEU A 183 12.40 -4.91 -11.02
CA LEU A 183 13.60 -5.38 -11.69
C LEU A 183 14.04 -6.80 -11.26
N ASN A 184 13.88 -7.15 -9.97
CA ASN A 184 14.23 -8.49 -9.49
C ASN A 184 13.30 -9.53 -10.05
N LEU A 185 12.04 -9.14 -10.27
CA LEU A 185 10.98 -10.03 -10.75
C LEU A 185 10.82 -10.07 -12.26
N ARG A 186 10.80 -8.92 -12.93
CA ARG A 186 10.56 -8.81 -14.38
C ARG A 186 11.84 -8.81 -15.23
N ALA A 187 12.96 -8.28 -14.71
CA ALA A 187 14.25 -8.35 -15.42
C ALA A 187 14.95 -9.63 -14.96
N ASP A 188 14.33 -10.78 -15.26
CA ASP A 188 14.78 -12.13 -14.90
C ASP A 188 14.25 -13.16 -15.91
N SER A 189 15.02 -14.22 -16.20
CA SER A 189 14.70 -15.29 -17.16
C SER A 189 13.36 -16.01 -16.91
N HIS A 190 12.90 -16.08 -15.64
CA HIS A 190 11.64 -16.73 -15.26
C HIS A 190 10.41 -15.95 -15.71
N ALA A 191 10.55 -14.62 -15.92
CA ALA A 191 9.50 -13.74 -16.41
C ALA A 191 9.43 -13.90 -17.93
N GLN A 192 8.27 -13.61 -18.55
CA GLN A 192 8.08 -13.73 -20.01
C GLN A 192 9.06 -12.80 -20.73
N TRP A 193 9.66 -13.27 -21.84
CA TRP A 193 10.64 -12.52 -22.64
C TRP A 193 10.18 -11.10 -22.98
N GLU A 194 8.87 -10.94 -23.28
CA GLU A 194 8.27 -9.66 -23.64
C GLU A 194 8.34 -8.61 -22.53
N ILE A 195 8.16 -9.02 -21.26
CA ILE A 195 8.23 -8.07 -20.15
C ILE A 195 9.69 -7.80 -19.80
N GLN A 196 10.57 -8.83 -19.94
CA GLN A 196 12.02 -8.75 -19.69
C GLN A 196 12.61 -7.55 -20.44
N GLN A 197 12.21 -7.42 -21.73
CA GLN A 197 12.63 -6.35 -22.65
C GLN A 197 12.25 -4.98 -22.10
N TYR A 198 10.99 -4.84 -21.64
CA TYR A 198 10.47 -3.61 -21.04
C TYR A 198 11.23 -3.26 -19.75
N ALA A 199 11.54 -4.26 -18.90
CA ALA A 199 12.30 -4.07 -17.66
C ALA A 199 13.74 -3.61 -17.95
N LEU A 200 14.36 -4.13 -19.04
CA LEU A 200 15.72 -3.72 -19.44
C LEU A 200 15.78 -2.22 -19.77
N ALA A 201 14.72 -1.69 -20.41
CA ALA A 201 14.60 -0.26 -20.72
C ALA A 201 14.43 0.56 -19.44
N ILE A 202 13.66 0.02 -18.46
CA ILE A 202 13.41 0.63 -17.13
C ILE A 202 14.75 0.70 -16.37
N ALA A 203 15.55 -0.42 -16.41
CA ALA A 203 16.88 -0.50 -15.80
C ALA A 203 17.84 0.50 -16.43
N ARG A 204 17.77 0.67 -17.76
CA ARG A 204 18.61 1.61 -18.49
C ARG A 204 18.35 3.06 -18.06
N ILE A 205 17.06 3.45 -17.99
CA ILE A 205 16.64 4.80 -17.55
C ILE A 205 17.03 5.01 -16.08
N PHE A 206 16.86 3.97 -15.24
CA PHE A 206 17.21 3.97 -13.81
C PHE A 206 18.72 4.18 -13.61
N LYS A 207 19.55 3.48 -14.39
CA LYS A 207 21.02 3.57 -14.38
C LYS A 207 21.47 4.98 -14.76
N GLU A 208 20.85 5.58 -15.80
CA GLU A 208 21.14 6.92 -16.30
C GLU A 208 20.86 8.03 -15.24
N LYS A 209 19.75 7.92 -14.49
CA LYS A 209 19.33 8.89 -13.47
C LYS A 209 19.93 8.65 -12.05
N CYS A 210 20.07 7.37 -11.62
CA CYS A 210 20.64 7.02 -10.32
C CYS A 210 21.79 6.02 -10.51
N PRO A 211 22.96 6.44 -11.08
CA PRO A 211 24.06 5.49 -11.31
C PRO A 211 24.60 4.79 -10.08
N TRP A 212 24.68 5.49 -8.93
CA TRP A 212 25.19 4.90 -7.68
C TRP A 212 24.25 3.82 -7.13
N THR A 213 22.93 4.15 -7.04
CA THR A 213 21.86 3.26 -6.55
C THR A 213 21.72 2.04 -7.47
N PHE A 214 21.87 2.21 -8.80
CA PHE A 214 21.79 1.09 -9.75
C PHE A 214 22.99 0.13 -9.57
N GLU A 215 24.23 0.69 -9.55
CA GLU A 215 25.48 -0.06 -9.38
C GLU A 215 25.47 -0.84 -8.07
N ALA A 216 25.07 -0.18 -6.96
CA ALA A 216 24.97 -0.81 -5.64
C ALA A 216 23.94 -1.92 -5.67
N PHE A 217 22.77 -1.68 -6.35
CA PHE A 217 21.69 -2.65 -6.50
C PHE A 217 22.17 -3.92 -7.16
N LEU A 218 22.89 -3.81 -8.29
CA LEU A 218 23.45 -4.96 -9.02
C LEU A 218 24.49 -5.72 -8.19
N LYS A 219 25.25 -4.97 -7.37
CA LYS A 219 26.30 -5.53 -6.52
C LYS A 219 25.80 -6.24 -5.27
N TYR A 220 24.75 -5.73 -4.60
CA TYR A 220 24.33 -6.32 -3.32
C TYR A 220 22.89 -6.80 -3.16
N ALA A 221 21.91 -6.18 -3.86
CA ALA A 221 20.48 -6.49 -3.68
C ALA A 221 19.79 -7.24 -4.82
N TYR A 222 20.25 -7.06 -6.08
CA TYR A 222 19.65 -7.67 -7.28
C TYR A 222 19.61 -9.21 -7.21
N LYS A 223 18.39 -9.75 -7.30
CA LYS A 223 18.08 -11.19 -7.20
C LYS A 223 17.93 -11.91 -8.56
N GLY A 224 17.62 -11.17 -9.62
CA GLY A 224 17.45 -11.71 -10.96
C GLY A 224 18.74 -12.12 -11.65
N ASP A 225 18.69 -12.43 -12.97
CA ASP A 225 19.86 -12.89 -13.72
C ASP A 225 20.27 -12.08 -14.96
N ILE A 226 19.31 -11.68 -15.83
CA ILE A 226 19.60 -11.01 -17.11
C ILE A 226 20.37 -9.68 -16.98
N LEU A 227 20.24 -8.92 -15.85
CA LEU A 227 20.95 -7.65 -15.71
C LEU A 227 22.44 -7.80 -15.42
N LYS A 228 22.85 -8.96 -14.87
CA LYS A 228 24.24 -9.30 -14.57
C LYS A 228 24.93 -9.95 -15.79
N GLU A 229 24.16 -10.20 -16.87
CA GLU A 229 24.62 -10.82 -18.12
C GLU A 229 24.58 -9.85 -19.29
N VAL A 230 23.49 -9.06 -19.40
CA VAL A 230 23.27 -8.08 -20.49
C VAL A 230 23.73 -6.68 -20.08
N GLN A 231 24.46 -6.00 -20.99
CA GLN A 231 24.99 -4.65 -20.79
C GLN A 231 24.01 -3.61 -21.31
N HIS B 12 14.23 27.28 -0.57
CA HIS B 12 13.32 26.27 -0.02
C HIS B 12 12.27 26.92 0.89
N MET B 13 10.98 26.58 0.66
CA MET B 13 9.85 27.07 1.46
C MET B 13 9.93 26.46 2.86
N LYS B 14 9.99 27.32 3.89
CA LYS B 14 10.06 26.88 5.28
C LYS B 14 9.06 27.65 6.14
N ILE B 15 8.10 26.93 6.71
CA ILE B 15 7.09 27.51 7.58
C ILE B 15 7.34 26.99 9.00
N ASP B 16 7.55 27.92 9.96
CA ASP B 16 7.78 27.57 11.35
C ASP B 16 6.47 27.25 12.05
N ILE B 17 6.43 26.12 12.77
CA ILE B 17 5.24 25.66 13.48
C ILE B 17 5.56 25.50 14.96
N LEU B 18 4.64 25.90 15.85
CA LEU B 18 4.79 25.82 17.30
C LEU B 18 6.03 26.61 17.80
N ASP B 19 6.61 26.28 18.97
CA ASP B 19 7.74 27.04 19.50
C ASP B 19 9.08 26.70 18.87
N LYS B 20 9.33 25.43 18.49
CA LYS B 20 10.63 25.06 17.94
C LYS B 20 10.57 24.23 16.65
N GLY B 21 9.37 23.95 16.16
CA GLY B 21 9.20 23.13 14.97
C GLY B 21 9.10 23.88 13.65
N PHE B 22 9.04 23.10 12.54
CA PHE B 22 8.93 23.61 11.18
C PHE B 22 8.44 22.54 10.17
N VAL B 23 8.14 23.01 8.94
CA VAL B 23 7.77 22.24 7.76
C VAL B 23 8.57 22.89 6.64
N GLU B 24 9.49 22.13 6.03
CA GLU B 24 10.35 22.62 4.97
C GLU B 24 10.15 21.79 3.70
N LEU B 25 9.94 22.43 2.53
CA LEU B 25 9.81 21.70 1.27
C LEU B 25 11.21 21.36 0.71
N VAL B 26 11.52 20.06 0.64
CA VAL B 26 12.80 19.51 0.17
C VAL B 26 12.80 19.42 -1.36
N ASP B 27 11.78 18.75 -1.94
CA ASP B 27 11.66 18.55 -3.38
C ASP B 27 10.19 18.35 -3.79
N VAL B 28 9.93 18.49 -5.09
CA VAL B 28 8.61 18.30 -5.69
C VAL B 28 8.78 17.77 -7.11
N MET B 29 7.85 16.91 -7.54
CA MET B 29 7.80 16.38 -8.89
C MET B 29 6.45 16.73 -9.46
N GLY B 30 6.48 17.46 -10.55
CA GLY B 30 5.28 17.86 -11.27
C GLY B 30 4.55 19.06 -10.68
N ASN B 31 3.43 19.40 -11.32
CA ASN B 31 2.54 20.51 -11.00
C ASN B 31 1.12 20.07 -11.37
N ASP B 32 0.17 21.01 -11.60
CA ASP B 32 -1.21 20.67 -11.97
C ASP B 32 -1.26 19.90 -13.29
N LEU B 33 -0.39 20.29 -14.25
CA LEU B 33 -0.30 19.69 -15.59
C LEU B 33 0.19 18.25 -15.58
N SER B 34 0.85 17.81 -14.48
CA SER B 34 1.29 16.43 -14.33
C SER B 34 0.07 15.52 -14.21
N ALA B 35 -0.99 16.02 -13.54
CA ALA B 35 -2.27 15.34 -13.37
C ALA B 35 -3.07 15.37 -14.69
N VAL B 36 -2.95 16.46 -15.48
CA VAL B 36 -3.61 16.63 -16.79
C VAL B 36 -3.01 15.61 -17.79
N ARG B 37 -1.65 15.55 -17.89
CA ARG B 37 -0.89 14.64 -18.75
C ARG B 37 -1.21 13.18 -18.44
N ALA B 38 -1.32 12.84 -17.14
CA ALA B 38 -1.65 11.49 -16.66
C ALA B 38 -3.09 11.11 -16.95
N ALA B 39 -4.04 12.07 -16.87
CA ALA B 39 -5.46 11.81 -17.16
C ALA B 39 -5.70 11.61 -18.67
N ARG B 40 -5.01 12.39 -19.52
CA ARG B 40 -5.14 12.29 -20.98
C ARG B 40 -4.27 11.17 -21.53
N VAL B 41 -3.25 10.73 -20.76
CA VAL B 41 -2.27 9.68 -21.12
C VAL B 41 -1.51 10.17 -22.40
N SER B 42 -0.72 11.25 -22.24
CA SER B 42 0.06 11.92 -23.29
C SER B 42 1.13 12.84 -22.67
N PHE B 43 2.40 12.68 -23.12
CA PHE B 43 3.57 13.46 -22.68
C PHE B 43 3.67 14.82 -23.40
N LYS B 48 -0.57 23.28 -24.94
CA LYS B 48 -1.19 23.51 -23.64
C LYS B 48 -2.22 24.64 -23.68
N ASP B 49 -3.46 24.37 -23.19
CA ASP B 49 -4.56 25.35 -23.11
C ASP B 49 -4.93 25.52 -21.65
N GLU B 50 -4.60 26.69 -21.06
CA GLU B 50 -4.83 27.02 -19.66
C GLU B 50 -6.26 26.77 -19.19
N GLU B 51 -7.24 27.27 -19.95
CA GLU B 51 -8.66 27.13 -19.65
C GLU B 51 -9.14 25.69 -19.73
N ARG B 52 -8.67 24.93 -20.76
CA ARG B 52 -9.01 23.52 -20.96
C ARG B 52 -8.35 22.61 -19.93
N ASP B 53 -7.08 22.92 -19.55
CA ASP B 53 -6.30 22.17 -18.56
C ASP B 53 -6.87 22.34 -17.15
N ARG B 54 -7.31 23.58 -16.82
CA ARG B 54 -7.90 23.91 -15.53
C ARG B 54 -9.32 23.32 -15.42
N HIS B 55 -10.04 23.25 -16.54
CA HIS B 55 -11.39 22.67 -16.64
C HIS B 55 -11.32 21.14 -16.40
N LEU B 56 -10.21 20.50 -16.84
CA LEU B 56 -10.01 19.06 -16.65
C LEU B 56 -9.78 18.74 -15.18
N ILE B 57 -8.91 19.55 -14.49
CA ILE B 57 -8.59 19.45 -13.05
C ILE B 57 -9.89 19.48 -12.24
N GLU B 58 -10.80 20.43 -12.59
CA GLU B 58 -12.12 20.58 -11.94
C GLU B 58 -13.05 19.42 -12.24
N TYR B 59 -12.99 18.86 -13.47
CA TYR B 59 -13.78 17.69 -13.88
C TYR B 59 -13.35 16.43 -13.13
N LEU B 60 -12.04 16.15 -13.06
CA LEU B 60 -11.45 15.00 -12.36
C LEU B 60 -11.78 15.06 -10.86
N MET B 61 -11.75 16.27 -10.28
CA MET B 61 -12.01 16.52 -8.87
C MET B 61 -13.48 16.32 -8.49
N LYS B 62 -14.41 16.90 -9.26
CA LYS B 62 -15.84 16.77 -8.94
C LYS B 62 -16.37 15.36 -9.22
N HIS B 63 -15.83 14.66 -10.22
CA HIS B 63 -16.31 13.32 -10.56
C HIS B 63 -15.58 12.18 -9.81
N GLY B 64 -14.69 12.54 -8.88
CA GLY B 64 -13.94 11.56 -8.07
C GLY B 64 -12.85 10.78 -8.78
N HIS B 65 -12.33 11.29 -9.90
CA HIS B 65 -11.22 10.67 -10.65
C HIS B 65 -9.98 11.19 -9.93
N GLU B 66 -9.51 10.43 -8.93
CA GLU B 66 -8.38 10.78 -8.06
C GLU B 66 -7.01 10.26 -8.49
N THR B 67 -6.95 9.18 -9.30
CA THR B 67 -5.68 8.55 -9.71
C THR B 67 -4.72 9.50 -10.47
N PRO B 68 -5.16 10.46 -11.35
CA PRO B 68 -4.18 11.34 -12.02
C PRO B 68 -3.35 12.21 -11.07
N PHE B 69 -3.89 12.50 -9.85
CA PHE B 69 -3.24 13.32 -8.83
C PHE B 69 -2.10 12.59 -8.07
N GLU B 70 -2.00 11.26 -8.24
CA GLU B 70 -0.94 10.43 -7.64
C GLU B 70 0.41 10.66 -8.35
N HIS B 71 0.40 11.34 -9.51
CA HIS B 71 1.56 11.60 -10.35
C HIS B 71 2.31 12.91 -9.96
N ILE B 72 1.80 13.63 -8.93
CA ILE B 72 2.41 14.83 -8.36
C ILE B 72 2.92 14.37 -7.00
N VAL B 73 4.26 14.36 -6.80
CA VAL B 73 4.88 13.88 -5.56
C VAL B 73 5.64 15.01 -4.87
N PHE B 74 5.63 15.04 -3.52
CA PHE B 74 6.30 16.04 -2.67
C PHE B 74 7.22 15.37 -1.65
N THR B 75 8.33 16.05 -1.28
CA THR B 75 9.23 15.61 -0.21
C THR B 75 9.35 16.77 0.79
N PHE B 76 8.96 16.52 2.04
CA PHE B 76 9.03 17.52 3.12
C PHE B 76 10.01 17.09 4.19
N HIS B 77 10.54 18.08 4.92
CA HIS B 77 11.39 17.90 6.09
C HIS B 77 10.61 18.53 7.24
N VAL B 78 10.13 17.69 8.18
CA VAL B 78 9.30 18.13 9.31
C VAL B 78 10.01 17.89 10.64
N LYS B 79 9.93 18.89 11.52
CA LYS B 79 10.44 18.85 12.90
C LYS B 79 9.19 19.05 13.78
N ALA B 80 8.75 17.99 14.47
CA ALA B 80 7.53 18.03 15.27
C ALA B 80 7.65 17.21 16.55
N PRO B 81 6.81 17.49 17.58
CA PRO B 81 6.83 16.67 18.80
C PRO B 81 6.43 15.23 18.50
N ILE B 82 6.95 14.26 19.28
CA ILE B 82 6.67 12.83 19.09
C ILE B 82 5.16 12.53 19.11
N PHE B 83 4.33 13.24 19.91
CA PHE B 83 2.88 13.00 19.91
C PHE B 83 2.21 13.41 18.58
N VAL B 84 2.78 14.41 17.86
CA VAL B 84 2.32 14.89 16.53
C VAL B 84 2.78 13.86 15.46
N ALA B 85 4.08 13.47 15.50
CA ALA B 85 4.68 12.47 14.60
C ALA B 85 3.92 11.15 14.68
N ARG B 86 3.50 10.73 15.89
CA ARG B 86 2.72 9.50 16.09
C ARG B 86 1.39 9.54 15.34
N GLN B 87 0.73 10.72 15.27
CA GLN B 87 -0.54 10.92 14.57
C GLN B 87 -0.31 10.97 13.05
N TRP B 88 0.80 11.60 12.65
CA TRP B 88 1.19 11.77 11.25
C TRP B 88 1.55 10.43 10.60
N PHE B 89 2.44 9.64 11.26
CA PHE B 89 2.95 8.36 10.78
C PHE B 89 1.89 7.28 10.63
N ARG B 90 0.62 7.57 11.05
CA ARG B 90 -0.55 6.70 10.88
C ARG B 90 -0.98 6.71 9.40
N HIS B 91 -0.52 7.72 8.64
CA HIS B 91 -0.77 7.85 7.21
C HIS B 91 0.22 6.92 6.46
N ARG B 92 -0.21 5.68 6.22
CA ARG B 92 0.56 4.58 5.63
C ARG B 92 0.92 4.75 4.17
N ILE B 93 0.08 5.48 3.40
CA ILE B 93 0.33 5.69 1.96
C ILE B 93 1.25 6.90 1.79
N ALA B 94 2.51 6.72 2.21
CA ALA B 94 3.59 7.70 2.18
C ALA B 94 4.93 7.03 2.53
N SER B 95 6.04 7.78 2.38
CA SER B 95 7.38 7.32 2.69
C SER B 95 7.94 8.16 3.85
N TYR B 96 8.49 7.48 4.87
CA TYR B 96 9.04 8.15 6.05
C TYR B 96 10.47 7.75 6.32
N ASN B 97 11.22 8.68 6.89
CA ASN B 97 12.61 8.51 7.33
C ASN B 97 12.84 9.47 8.46
N GLU B 98 12.92 8.94 9.68
CA GLU B 98 13.04 9.66 10.94
C GLU B 98 14.43 9.48 11.58
N LEU B 99 14.81 10.40 12.50
CA LEU B 99 16.05 10.35 13.29
C LEU B 99 15.98 9.16 14.23
N SER B 100 17.07 8.39 14.32
CA SER B 100 17.15 7.23 15.21
C SER B 100 17.39 7.68 16.65
N GLY B 101 16.42 7.42 17.53
CA GLY B 101 16.51 7.75 18.94
C GLY B 101 17.57 6.92 19.65
N ARG B 102 17.89 5.73 19.07
CA ARG B 102 18.85 4.75 19.56
C ARG B 102 20.29 5.09 19.23
N TYR B 103 20.55 5.84 18.13
CA TYR B 103 21.91 6.17 17.69
C TYR B 103 22.22 7.65 17.42
N SER B 104 21.26 8.45 16.91
CA SER B 104 21.53 9.86 16.58
C SER B 104 21.86 10.75 17.79
N LYS B 105 22.94 11.56 17.68
CA LYS B 105 23.37 12.53 18.70
C LYS B 105 22.48 13.78 18.57
N LEU B 106 21.16 13.53 18.58
CA LEU B 106 20.04 14.46 18.42
C LEU B 106 20.08 15.72 19.28
N SER B 107 19.41 16.78 18.79
CA SER B 107 19.26 18.04 19.51
C SER B 107 18.00 17.85 20.34
N TYR B 108 18.15 17.87 21.67
CA TYR B 108 17.01 17.64 22.54
C TYR B 108 16.30 18.96 22.81
N GLU B 109 15.12 19.08 22.22
CA GLU B 109 14.23 20.23 22.34
C GLU B 109 12.84 19.69 22.60
N PHE B 110 12.04 20.41 23.38
CA PHE B 110 10.71 19.98 23.79
C PHE B 110 9.66 21.03 23.50
N TYR B 111 8.43 20.61 23.20
CA TYR B 111 7.31 21.50 22.94
C TYR B 111 6.70 21.95 24.26
N ILE B 112 6.92 23.21 24.61
CA ILE B 112 6.37 23.78 25.83
C ILE B 112 5.20 24.65 25.38
N PRO B 113 3.95 24.23 25.61
CA PRO B 113 2.81 25.05 25.17
C PRO B 113 2.76 26.39 25.89
N SER B 114 2.42 27.45 25.15
CA SER B 114 2.30 28.80 25.71
C SER B 114 0.97 28.88 26.51
N PRO B 115 0.82 29.82 27.47
CA PRO B 115 -0.45 29.91 28.22
C PRO B 115 -1.69 30.07 27.32
N GLU B 116 -1.50 30.64 26.12
CA GLU B 116 -2.54 30.88 25.12
C GLU B 116 -3.17 29.59 24.56
N ARG B 117 -2.47 28.44 24.71
CA ARG B 117 -2.93 27.11 24.27
C ARG B 117 -4.11 26.66 25.15
N LEU B 118 -4.12 27.09 26.43
CA LEU B 118 -5.15 26.74 27.40
C LEU B 118 -6.33 27.73 27.44
N GLU B 119 -6.34 28.72 26.52
CA GLU B 119 -7.42 29.72 26.42
C GLU B 119 -8.70 29.02 25.98
N GLY B 120 -9.76 29.22 26.77
CA GLY B 120 -11.07 28.61 26.56
C GLY B 120 -11.42 27.67 27.69
N TYR B 121 -10.44 26.86 28.13
CA TYR B 121 -10.59 25.91 29.22
C TYR B 121 -10.50 26.64 30.54
N LYS B 122 -11.40 26.31 31.49
CA LYS B 122 -11.42 26.89 32.82
C LYS B 122 -10.50 26.04 33.70
N THR B 123 -9.38 26.64 34.15
CA THR B 123 -8.39 25.95 34.98
C THR B 123 -8.31 26.55 36.39
N THR B 124 -8.12 25.69 37.41
CA THR B 124 -7.99 26.08 38.82
C THR B 124 -6.70 26.87 39.03
N ILE B 125 -5.62 26.44 38.35
CA ILE B 125 -4.31 27.10 38.38
C ILE B 125 -4.17 27.99 37.12
N PRO B 126 -3.38 29.10 37.16
CA PRO B 126 -3.28 29.95 35.95
C PRO B 126 -2.62 29.25 34.75
N PRO B 127 -2.99 29.59 33.49
CA PRO B 127 -2.37 28.92 32.33
C PRO B 127 -0.84 29.01 32.30
N GLU B 128 -0.28 30.08 32.89
CA GLU B 128 1.17 30.31 33.02
C GLU B 128 1.81 29.29 33.95
N ARG B 129 1.05 28.80 34.95
CA ARG B 129 1.52 27.79 35.92
C ARG B 129 1.58 26.41 35.25
N VAL B 130 0.68 26.14 34.27
CA VAL B 130 0.61 24.90 33.48
C VAL B 130 1.89 24.81 32.63
N THR B 131 2.26 25.93 31.95
CA THR B 131 3.46 26.11 31.13
C THR B 131 4.71 25.86 31.98
N GLU B 132 4.72 26.41 33.23
CA GLU B 132 5.82 26.28 34.19
C GLU B 132 5.99 24.84 34.65
N LYS B 133 4.87 24.16 34.97
CA LYS B 133 4.85 22.76 35.39
C LYS B 133 5.34 21.79 34.29
N ILE B 134 5.04 22.13 33.01
CA ILE B 134 5.49 21.35 31.84
C ILE B 134 7.02 21.52 31.70
N SER B 135 7.53 22.77 31.78
CA SER B 135 8.97 23.10 31.70
C SER B 135 9.76 22.39 32.80
N GLU B 136 9.17 22.36 34.02
CA GLU B 136 9.71 21.76 35.24
C GLU B 136 9.98 20.28 35.05
N ILE B 137 8.97 19.55 34.57
CA ILE B 137 9.02 18.10 34.36
C ILE B 137 9.87 17.72 33.13
N VAL B 138 9.96 18.58 32.08
CA VAL B 138 10.81 18.25 30.92
C VAL B 138 12.28 18.41 31.29
N ASP B 139 12.60 19.39 32.18
CA ASP B 139 13.96 19.63 32.68
C ASP B 139 14.39 18.47 33.56
N LYS B 140 13.49 18.01 34.44
CA LYS B 140 13.73 16.87 35.34
C LYS B 140 13.97 15.58 34.54
N ALA B 141 13.14 15.34 33.49
CA ALA B 141 13.23 14.17 32.62
C ALA B 141 14.48 14.18 31.76
N TYR B 142 14.85 15.36 31.23
CA TYR B 142 16.05 15.52 30.40
C TYR B 142 17.33 15.37 31.21
N ARG B 143 17.35 15.90 32.46
CA ARG B 143 18.49 15.80 33.37
C ARG B 143 18.72 14.35 33.78
N THR B 144 17.62 13.60 34.04
CA THR B 144 17.64 12.17 34.38
C THR B 144 18.23 11.38 33.20
N TYR B 145 17.85 11.74 31.95
CA TYR B 145 18.33 11.13 30.72
C TYR B 145 19.84 11.29 30.57
N LEU B 146 20.35 12.54 30.71
CA LEU B 146 21.78 12.86 30.61
C LEU B 146 22.58 12.15 31.69
N GLU B 147 22.04 12.08 32.93
CA GLU B 147 22.67 11.40 34.07
C GLU B 147 22.84 9.90 33.77
N LEU B 148 21.85 9.26 33.12
CA LEU B 148 21.87 7.85 32.74
C LEU B 148 22.86 7.64 31.59
N ILE B 149 22.84 8.55 30.60
CA ILE B 149 23.75 8.53 29.45
C ILE B 149 25.22 8.65 29.87
N GLU B 150 25.51 9.59 30.81
CA GLU B 150 26.83 9.82 31.36
C GLU B 150 27.30 8.63 32.19
N SER B 151 26.38 7.96 32.90
CA SER B 151 26.71 6.79 33.74
C SER B 151 26.90 5.49 32.94
N GLY B 152 26.68 5.51 31.63
CA GLY B 152 26.91 4.35 30.77
C GLY B 152 25.71 3.60 30.23
N VAL B 153 24.48 4.06 30.54
CA VAL B 153 23.24 3.44 30.06
C VAL B 153 23.12 3.65 28.54
N PRO B 154 22.91 2.58 27.71
CA PRO B 154 22.76 2.80 26.26
C PRO B 154 21.57 3.71 25.91
N ARG B 155 21.74 4.55 24.86
CA ARG B 155 20.76 5.53 24.36
C ARG B 155 19.33 4.97 24.26
N GLU B 156 19.17 3.76 23.68
CA GLU B 156 17.88 3.08 23.49
C GLU B 156 17.09 2.81 24.79
N VAL B 157 17.79 2.68 25.94
CA VAL B 157 17.20 2.42 27.26
C VAL B 157 16.97 3.75 28.01
N ALA B 158 17.98 4.65 28.02
CA ALA B 158 17.91 5.93 28.73
C ALA B 158 16.85 6.87 28.16
N ARG B 159 16.61 6.82 26.85
CA ARG B 159 15.65 7.68 26.14
C ARG B 159 14.17 7.44 26.51
N ILE B 160 13.84 6.25 27.05
CA ILE B 160 12.47 5.86 27.37
C ILE B 160 11.84 6.76 28.47
N VAL B 161 12.66 7.51 29.21
CA VAL B 161 12.22 8.43 30.27
C VAL B 161 11.80 9.82 29.72
N LEU B 162 12.19 10.13 28.47
CA LEU B 162 11.91 11.42 27.83
C LEU B 162 10.42 11.63 27.50
N PRO B 163 9.87 12.85 27.70
CA PRO B 163 8.43 13.05 27.43
C PRO B 163 8.01 13.03 25.96
N LEU B 164 6.70 12.89 25.72
CA LEU B 164 6.10 12.82 24.39
C LEU B 164 6.10 14.15 23.63
N ASN B 165 6.54 15.25 24.30
CA ASN B 165 6.66 16.56 23.65
C ASN B 165 8.06 16.76 23.04
N LEU B 166 8.92 15.72 23.15
CA LEU B 166 10.26 15.72 22.60
C LEU B 166 10.14 15.80 21.09
N TYR B 167 10.83 16.80 20.51
CA TYR B 167 10.87 17.06 19.07
C TYR B 167 11.68 16.00 18.34
N THR B 168 11.16 15.56 17.18
CA THR B 168 11.81 14.63 16.26
C THR B 168 11.83 15.25 14.85
N ARG B 169 12.71 14.73 13.97
CA ARG B 169 12.80 15.18 12.58
C ARG B 169 12.61 14.01 11.63
N PHE B 170 11.84 14.24 10.56
CA PHE B 170 11.57 13.21 9.56
C PHE B 170 11.42 13.78 8.14
N PHE B 171 11.56 12.88 7.15
CA PHE B 171 11.40 13.19 5.72
C PHE B 171 10.13 12.51 5.24
N TRP B 172 9.23 13.28 4.65
CA TRP B 172 7.93 12.78 4.20
C TRP B 172 7.74 12.92 2.69
N THR B 173 7.75 11.76 1.98
CA THR B 173 7.50 11.68 0.53
C THR B 173 6.05 11.19 0.37
N VAL B 174 5.18 12.06 -0.18
CA VAL B 174 3.76 11.80 -0.33
C VAL B 174 3.24 12.34 -1.67
N ASN B 175 2.33 11.61 -2.34
CA ASN B 175 1.73 12.09 -3.58
C ASN B 175 0.53 13.00 -3.27
N ALA B 176 0.06 13.80 -4.24
CA ALA B 176 -1.04 14.75 -4.04
C ALA B 176 -2.34 14.11 -3.53
N ARG B 177 -2.66 12.87 -3.96
CA ARG B 177 -3.87 12.16 -3.53
C ARG B 177 -3.84 11.85 -2.03
N SER B 178 -2.72 11.25 -1.55
CA SER B 178 -2.54 10.91 -0.14
C SER B 178 -2.40 12.18 0.71
N LEU B 179 -1.81 13.26 0.12
CA LEU B 179 -1.66 14.57 0.76
C LEU B 179 -3.05 15.19 0.95
N MET B 180 -3.97 15.01 -0.02
CA MET B 180 -5.32 15.53 0.05
C MET B 180 -6.17 14.78 1.09
N ASN B 181 -5.85 13.49 1.34
CA ASN B 181 -6.50 12.68 2.38
C ASN B 181 -6.03 13.20 3.74
N PHE B 182 -4.70 13.45 3.89
CA PHE B 182 -4.08 14.01 5.08
C PHE B 182 -4.71 15.36 5.42
N LEU B 183 -4.88 16.24 4.41
CA LEU B 183 -5.48 17.56 4.59
C LEU B 183 -6.92 17.43 5.08
N ASN B 184 -7.73 16.54 4.45
CA ASN B 184 -9.13 16.29 4.85
C ASN B 184 -9.27 15.91 6.33
N LEU B 185 -8.34 15.09 6.85
CA LEU B 185 -8.32 14.54 8.21
C LEU B 185 -7.62 15.39 9.27
N ARG B 186 -6.42 15.92 8.94
CA ARG B 186 -5.58 16.68 9.88
C ARG B 186 -5.83 18.21 9.82
N ALA B 187 -6.20 18.78 8.66
CA ALA B 187 -6.55 20.19 8.56
C ALA B 187 -8.08 20.29 8.79
N ASP B 188 -8.50 19.93 10.01
CA ASP B 188 -9.90 19.90 10.45
C ASP B 188 -9.95 20.05 11.97
N SER B 189 -11.00 20.72 12.49
CA SER B 189 -11.21 20.99 13.91
C SER B 189 -11.23 19.74 14.83
N HIS B 190 -11.62 18.56 14.30
CA HIS B 190 -11.67 17.30 15.06
C HIS B 190 -10.28 16.73 15.36
N ALA B 191 -9.26 17.13 14.59
CA ALA B 191 -7.86 16.74 14.80
C ALA B 191 -7.29 17.66 15.89
N GLN B 192 -6.23 17.20 16.59
CA GLN B 192 -5.59 17.97 17.68
C GLN B 192 -5.02 19.27 17.12
N TRP B 193 -5.18 20.39 17.87
CA TRP B 193 -4.71 21.72 17.44
C TRP B 193 -3.26 21.75 16.91
N GLU B 194 -2.33 21.01 17.55
CA GLU B 194 -0.93 20.94 17.16
C GLU B 194 -0.73 20.42 15.74
N ILE B 195 -1.42 19.32 15.33
CA ILE B 195 -1.28 18.75 13.98
C ILE B 195 -2.02 19.62 12.94
N GLN B 196 -3.13 20.33 13.35
CA GLN B 196 -3.89 21.25 12.48
C GLN B 196 -2.91 22.29 11.92
N GLN B 197 -2.07 22.84 12.81
CA GLN B 197 -1.04 23.85 12.50
C GLN B 197 -0.07 23.34 11.43
N TYR B 198 0.45 22.10 11.62
CA TYR B 198 1.35 21.43 10.68
C TYR B 198 0.67 21.20 9.34
N ALA B 199 -0.63 20.79 9.36
CA ALA B 199 -1.40 20.56 8.14
C ALA B 199 -1.64 21.86 7.37
N LEU B 200 -1.80 23.00 8.07
CA LEU B 200 -1.98 24.32 7.43
C LEU B 200 -0.75 24.70 6.61
N ALA B 201 0.46 24.40 7.13
CA ALA B 201 1.74 24.65 6.46
C ALA B 201 1.87 23.75 5.24
N ILE B 202 1.40 22.47 5.34
CA ILE B 202 1.39 21.50 4.22
C ILE B 202 0.47 22.04 3.12
N ALA B 203 -0.75 22.49 3.50
CA ALA B 203 -1.74 23.07 2.59
C ALA B 203 -1.19 24.31 1.89
N ARG B 204 -0.42 25.15 2.62
CA ARG B 204 0.21 26.35 2.07
C ARG B 204 1.23 26.00 0.99
N ILE B 205 2.13 25.01 1.26
CA ILE B 205 3.14 24.55 0.29
C ILE B 205 2.47 23.85 -0.92
N PHE B 206 1.36 23.11 -0.66
CA PHE B 206 0.55 22.45 -1.70
C PHE B 206 -0.11 23.48 -2.62
N LYS B 207 -0.71 24.55 -2.05
CA LYS B 207 -1.36 25.66 -2.78
C LYS B 207 -0.37 26.38 -3.66
N GLU B 208 0.85 26.66 -3.13
CA GLU B 208 1.93 27.35 -3.83
C GLU B 208 2.42 26.58 -5.07
N LYS B 209 2.57 25.24 -4.97
CA LYS B 209 3.06 24.36 -6.04
C LYS B 209 1.95 23.87 -6.99
N CYS B 210 0.76 23.54 -6.48
CA CYS B 210 -0.39 23.09 -7.27
C CYS B 210 -1.64 23.97 -7.02
N PRO B 211 -1.65 25.25 -7.51
CA PRO B 211 -2.81 26.12 -7.22
C PRO B 211 -4.15 25.66 -7.78
N TRP B 212 -4.19 25.07 -8.98
CA TRP B 212 -5.44 24.61 -9.60
C TRP B 212 -6.02 23.42 -8.86
N THR B 213 -5.15 22.44 -8.50
CA THR B 213 -5.52 21.23 -7.76
C THR B 213 -6.04 21.59 -6.38
N PHE B 214 -5.34 22.51 -5.66
CA PHE B 214 -5.73 22.95 -4.33
C PHE B 214 -7.09 23.67 -4.35
N GLU B 215 -7.30 24.57 -5.33
CA GLU B 215 -8.57 25.29 -5.52
C GLU B 215 -9.73 24.34 -5.82
N ALA B 216 -9.51 23.36 -6.74
CA ALA B 216 -10.51 22.34 -7.11
C ALA B 216 -10.83 21.44 -5.92
N PHE B 217 -9.81 21.02 -5.15
CA PHE B 217 -9.96 20.20 -3.96
C PHE B 217 -10.84 20.89 -2.94
N LEU B 218 -10.62 22.18 -2.66
CA LEU B 218 -11.43 22.96 -1.72
C LEU B 218 -12.86 23.12 -2.22
N LYS B 219 -13.03 23.20 -3.55
CA LYS B 219 -14.35 23.38 -4.18
C LYS B 219 -15.19 22.11 -4.25
N TYR B 220 -14.59 20.93 -4.51
CA TYR B 220 -15.39 19.72 -4.74
C TYR B 220 -15.14 18.50 -3.84
N ALA B 221 -13.91 18.31 -3.33
CA ALA B 221 -13.58 17.11 -2.55
C ALA B 221 -13.31 17.31 -1.05
N TYR B 222 -12.84 18.49 -0.62
CA TYR B 222 -12.46 18.81 0.76
C TYR B 222 -13.60 18.64 1.74
N LYS B 223 -13.41 17.73 2.73
CA LYS B 223 -14.37 17.34 3.75
C LYS B 223 -14.22 18.07 5.09
N GLY B 224 -13.01 18.58 5.39
CA GLY B 224 -12.70 19.31 6.62
C GLY B 224 -13.33 20.68 6.72
N ASP B 225 -12.92 21.49 7.73
CA ASP B 225 -13.51 22.82 7.94
C ASP B 225 -12.54 24.02 7.94
N ILE B 226 -11.38 23.91 8.65
CA ILE B 226 -10.44 25.02 8.83
C ILE B 226 -9.87 25.61 7.52
N LEU B 227 -9.75 24.82 6.43
CA LEU B 227 -9.20 25.34 5.17
C LEU B 227 -10.17 26.19 4.36
N LYS B 228 -11.48 26.09 4.64
CA LYS B 228 -12.51 26.89 3.99
C LYS B 228 -12.77 28.18 4.80
N GLU B 229 -12.13 28.31 5.99
CA GLU B 229 -12.27 29.44 6.91
C GLU B 229 -10.99 30.27 7.01
N VAL B 230 -9.81 29.59 7.08
CA VAL B 230 -8.49 30.22 7.22
C VAL B 230 -7.82 30.37 5.85
N GLN B 231 -7.26 31.56 5.56
CA GLN B 231 -6.56 31.87 4.31
C GLN B 231 -5.07 31.63 4.48
N HIS C 12 -8.19 -18.07 23.64
CA HIS C 12 -7.32 -17.11 22.96
C HIS C 12 -5.88 -17.20 23.47
N MET C 13 -4.91 -17.35 22.54
CA MET C 13 -3.48 -17.42 22.86
C MET C 13 -3.02 -16.06 23.37
N LYS C 14 -2.43 -16.03 24.57
CA LYS C 14 -1.92 -14.80 25.18
C LYS C 14 -0.52 -15.02 25.76
N ILE C 15 0.46 -14.30 25.20
CA ILE C 15 1.84 -14.37 25.66
C ILE C 15 2.20 -13.04 26.32
N ASP C 16 2.62 -13.08 27.59
CA ASP C 16 3.01 -11.87 28.34
C ASP C 16 4.41 -11.46 27.96
N ILE C 17 4.59 -10.16 27.66
CA ILE C 17 5.87 -9.58 27.26
C ILE C 17 6.24 -8.45 28.22
N LEU C 18 7.52 -8.35 28.60
CA LEU C 18 8.07 -7.34 29.52
C LEU C 18 7.36 -7.40 30.90
N ASP C 19 7.41 -6.30 31.68
CA ASP C 19 6.83 -6.26 33.03
C ASP C 19 5.29 -6.21 33.07
N LYS C 20 4.63 -5.49 32.14
CA LYS C 20 3.16 -5.37 32.16
C LYS C 20 2.47 -5.57 30.76
N GLY C 21 3.25 -5.93 29.75
CA GLY C 21 2.73 -6.09 28.38
C GLY C 21 2.33 -7.47 27.96
N PHE C 22 1.67 -7.56 26.78
CA PHE C 22 1.21 -8.82 26.20
C PHE C 22 0.99 -8.77 24.69
N VAL C 23 0.77 -9.94 24.09
CA VAL C 23 0.42 -10.19 22.69
C VAL C 23 -0.69 -11.25 22.77
N GLU C 24 -1.88 -10.89 22.33
CA GLU C 24 -3.04 -11.76 22.39
C GLU C 24 -3.61 -11.99 20.97
N LEU C 25 -3.85 -13.26 20.58
CA LEU C 25 -4.44 -13.54 19.27
C LEU C 25 -5.97 -13.40 19.34
N VAL C 26 -6.49 -12.40 18.61
CA VAL C 26 -7.92 -12.07 18.56
C VAL C 26 -8.66 -12.99 17.57
N ASP C 27 -8.17 -13.04 16.32
CA ASP C 27 -8.74 -13.84 15.23
C ASP C 27 -7.69 -14.22 14.19
N VAL C 28 -8.02 -15.21 13.36
CA VAL C 28 -7.18 -15.68 12.27
C VAL C 28 -8.08 -16.16 11.12
N MET C 29 -7.63 -15.93 9.88
CA MET C 29 -8.30 -16.41 8.67
C MET C 29 -7.32 -17.30 7.93
N GLY C 30 -7.75 -18.54 7.71
CA GLY C 30 -6.96 -19.53 6.99
C GLY C 30 -5.87 -20.20 7.78
N ASN C 31 -5.12 -21.07 7.09
CA ASN C 31 -4.03 -21.85 7.63
C ASN C 31 -2.99 -22.03 6.53
N ASP C 32 -2.12 -23.06 6.62
CA ASP C 32 -1.13 -23.33 5.58
C ASP C 32 -1.77 -23.70 4.26
N LEU C 33 -2.96 -24.35 4.30
CA LEU C 33 -3.66 -24.79 3.09
C LEU C 33 -4.37 -23.66 2.36
N SER C 34 -4.51 -22.48 3.01
CA SER C 34 -5.09 -21.27 2.40
C SER C 34 -4.13 -20.77 1.31
N ALA C 35 -2.81 -20.81 1.62
CA ALA C 35 -1.71 -20.45 0.71
C ALA C 35 -1.60 -21.48 -0.42
N VAL C 36 -1.89 -22.77 -0.12
CA VAL C 36 -1.88 -23.88 -1.11
C VAL C 36 -3.00 -23.67 -2.13
N ARG C 37 -4.25 -23.43 -1.65
CA ARG C 37 -5.44 -23.16 -2.46
C ARG C 37 -5.25 -21.96 -3.37
N ALA C 38 -4.64 -20.88 -2.85
CA ALA C 38 -4.35 -19.64 -3.59
C ALA C 38 -3.26 -19.84 -4.64
N ALA C 39 -2.25 -20.69 -4.37
CA ALA C 39 -1.17 -20.97 -5.31
C ALA C 39 -1.63 -21.92 -6.42
N ARG C 40 -2.42 -22.96 -6.04
CA ARG C 40 -2.94 -24.01 -6.92
C ARG C 40 -3.86 -23.51 -8.04
N VAL C 41 -4.37 -22.26 -7.95
CA VAL C 41 -5.23 -21.66 -8.98
C VAL C 41 -4.39 -21.30 -10.25
N SER C 42 -3.10 -20.90 -10.05
CA SER C 42 -2.13 -20.52 -11.10
C SER C 42 -1.95 -21.67 -12.09
N PHE C 43 -1.21 -22.72 -11.69
CA PHE C 43 -1.04 -23.95 -12.46
C PHE C 43 -2.26 -24.75 -11.98
N ASP C 44 -3.41 -24.54 -12.68
CA ASP C 44 -4.77 -25.05 -12.45
C ASP C 44 -4.95 -26.17 -11.38
N MET C 45 -4.14 -27.24 -11.44
CA MET C 45 -4.17 -28.36 -10.49
C MET C 45 -2.77 -28.66 -9.92
N ASP C 49 -3.54 -33.92 -0.68
CA ASP C 49 -2.52 -34.77 -0.08
C ASP C 49 -1.59 -33.95 0.81
N GLU C 50 -1.52 -34.27 2.13
CA GLU C 50 -0.69 -33.60 3.15
C GLU C 50 0.77 -33.43 2.72
N GLU C 51 1.41 -34.52 2.23
CA GLU C 51 2.81 -34.51 1.78
C GLU C 51 3.01 -33.61 0.56
N ARG C 52 2.07 -33.66 -0.42
CA ARG C 52 2.11 -32.85 -1.65
C ARG C 52 1.84 -31.35 -1.37
N ASP C 53 0.92 -31.05 -0.43
CA ASP C 53 0.56 -29.68 -0.04
C ASP C 53 1.64 -29.03 0.84
N ARG C 54 2.39 -29.82 1.64
CA ARG C 54 3.51 -29.35 2.45
C ARG C 54 4.71 -29.11 1.53
N HIS C 55 4.84 -29.92 0.46
CA HIS C 55 5.92 -29.82 -0.53
C HIS C 55 5.75 -28.53 -1.34
N LEU C 56 4.49 -28.10 -1.57
CA LEU C 56 4.19 -26.87 -2.29
C LEU C 56 4.58 -25.63 -1.48
N ILE C 57 4.23 -25.59 -0.17
CA ILE C 57 4.58 -24.51 0.76
C ILE C 57 6.11 -24.25 0.71
N GLU C 58 6.90 -25.33 0.82
CA GLU C 58 8.37 -25.29 0.77
C GLU C 58 8.89 -24.83 -0.58
N TYR C 59 8.19 -25.19 -1.68
CA TYR C 59 8.55 -24.78 -3.04
C TYR C 59 8.30 -23.28 -3.22
N LEU C 60 7.10 -22.78 -2.80
CA LEU C 60 6.72 -21.36 -2.88
C LEU C 60 7.67 -20.49 -2.09
N MET C 61 8.10 -20.97 -0.90
CA MET C 61 9.02 -20.29 0.00
C MET C 61 10.43 -20.18 -0.55
N LYS C 62 11.00 -21.30 -1.04
CA LYS C 62 12.37 -21.34 -1.57
C LYS C 62 12.52 -20.67 -2.95
N HIS C 63 11.43 -20.48 -3.69
CA HIS C 63 11.47 -19.84 -5.00
C HIS C 63 10.92 -18.39 -5.03
N GLY C 64 10.65 -17.83 -3.86
CA GLY C 64 10.19 -16.46 -3.71
C GLY C 64 8.77 -16.16 -4.15
N HIS C 65 7.89 -17.19 -4.21
CA HIS C 65 6.47 -17.04 -4.56
C HIS C 65 5.76 -16.65 -3.26
N GLU C 66 5.76 -15.34 -2.95
CA GLU C 66 5.22 -14.80 -1.70
C GLU C 66 3.73 -14.42 -1.69
N THR C 67 3.13 -14.13 -2.85
CA THR C 67 1.73 -13.70 -2.96
C THR C 67 0.71 -14.71 -2.38
N PRO C 68 0.86 -16.08 -2.51
CA PRO C 68 -0.14 -16.98 -1.90
C PRO C 68 -0.29 -16.85 -0.38
N PHE C 69 0.78 -16.36 0.32
CA PHE C 69 0.82 -16.19 1.77
C PHE C 69 0.05 -14.96 2.27
N GLU C 70 -0.36 -14.06 1.36
CA GLU C 70 -1.15 -12.86 1.67
C GLU C 70 -2.61 -13.23 2.00
N HIS C 71 -3.00 -14.48 1.71
CA HIS C 71 -4.35 -15.01 1.89
C HIS C 71 -4.61 -15.58 3.31
N ILE C 72 -3.57 -15.56 4.18
CA ILE C 72 -3.62 -15.96 5.58
C ILE C 72 -3.51 -14.65 6.36
N VAL C 73 -4.58 -14.27 7.09
CA VAL C 73 -4.64 -13.00 7.82
C VAL C 73 -4.79 -13.27 9.33
N PHE C 74 -4.15 -12.42 10.18
CA PHE C 74 -4.17 -12.50 11.64
C PHE C 74 -4.63 -11.18 12.26
N THR C 75 -5.32 -11.25 13.41
CA THR C 75 -5.69 -10.07 14.21
C THR C 75 -5.13 -10.26 15.62
N PHE C 76 -4.26 -9.34 16.04
CA PHE C 76 -3.65 -9.37 17.37
C PHE C 76 -4.09 -8.19 18.22
N HIS C 77 -4.03 -8.36 19.54
CA HIS C 77 -4.27 -7.33 20.53
C HIS C 77 -2.94 -7.22 21.30
N VAL C 78 -2.26 -6.08 21.13
CA VAL C 78 -0.95 -5.84 21.72
C VAL C 78 -0.99 -4.70 22.74
N LYS C 79 -0.33 -4.89 23.89
CA LYS C 79 -0.14 -3.89 24.95
C LYS C 79 1.38 -3.72 25.03
N ALA C 80 1.87 -2.59 24.51
CA ALA C 80 3.30 -2.32 24.43
C ALA C 80 3.65 -0.88 24.80
N PRO C 81 4.92 -0.61 25.25
CA PRO C 81 5.31 0.78 25.55
C PRO C 81 5.31 1.60 24.26
N ILE C 82 4.98 2.90 24.34
CA ILE C 82 4.89 3.78 23.15
C ILE C 82 6.17 3.69 22.28
N PHE C 83 7.37 3.63 22.89
CA PHE C 83 8.61 3.54 22.09
C PHE C 83 8.66 2.28 21.23
N VAL C 84 8.01 1.17 21.68
CA VAL C 84 7.92 -0.09 20.94
C VAL C 84 6.87 0.07 19.85
N ALA C 85 5.68 0.61 20.19
CA ALA C 85 4.57 0.87 19.26
C ALA C 85 5.04 1.77 18.10
N ARG C 86 5.89 2.76 18.40
CA ARG C 86 6.45 3.66 17.39
C ARG C 86 7.24 2.91 16.33
N GLN C 87 8.00 1.88 16.73
CA GLN C 87 8.82 1.04 15.84
C GLN C 87 7.92 0.08 15.04
N TRP C 88 6.88 -0.46 15.70
CA TRP C 88 5.89 -1.39 15.13
C TRP C 88 5.05 -0.74 14.05
N PHE C 89 4.46 0.45 14.35
CA PHE C 89 3.57 1.21 13.46
C PHE C 89 4.24 1.73 12.18
N ARG C 90 5.58 1.54 12.05
CA ARG C 90 6.35 1.88 10.86
C ARG C 90 6.07 0.84 9.74
N HIS C 91 5.48 -0.31 10.14
CA HIS C 91 5.07 -1.38 9.22
C HIS C 91 3.70 -0.98 8.62
N ARG C 92 3.75 -0.28 7.49
CA ARG C 92 2.62 0.28 6.75
C ARG C 92 1.68 -0.73 6.12
N ILE C 93 2.19 -1.92 5.72
CA ILE C 93 1.35 -2.95 5.08
C ILE C 93 0.66 -3.79 6.19
N ALA C 94 -0.26 -3.13 6.91
CA ALA C 94 -1.03 -3.69 8.02
C ALA C 94 -2.15 -2.72 8.40
N SER C 95 -3.05 -3.17 9.30
CA SER C 95 -4.16 -2.37 9.81
C SER C 95 -3.97 -2.15 11.31
N TYR C 96 -4.12 -0.89 11.76
CA TYR C 96 -3.94 -0.53 13.16
C TYR C 96 -5.13 0.20 13.75
N ASN C 97 -5.33 0.04 15.05
CA ASN C 97 -6.35 0.72 15.84
C ASN C 97 -5.87 0.78 17.26
N GLU C 98 -5.47 1.97 17.70
CA GLU C 98 -4.88 2.23 19.02
C GLU C 98 -5.80 3.05 19.95
N LEU C 99 -5.54 3.02 21.28
CA LEU C 99 -6.24 3.81 22.30
C LEU C 99 -5.93 5.29 22.05
N SER C 100 -6.95 6.15 22.07
CA SER C 100 -6.77 7.59 21.88
C SER C 100 -6.21 8.22 23.15
N GLY C 101 -5.02 8.82 23.05
CA GLY C 101 -4.39 9.49 24.19
C GLY C 101 -5.18 10.71 24.63
N ARG C 102 -5.95 11.30 23.69
CA ARG C 102 -6.76 12.50 23.85
C ARG C 102 -8.09 12.26 24.56
N TYR C 103 -8.66 11.03 24.44
CA TYR C 103 -9.97 10.70 25.02
C TYR C 103 -10.04 9.45 25.88
N SER C 104 -9.36 8.36 25.44
CA SER C 104 -9.40 7.06 26.11
C SER C 104 -8.91 7.10 27.55
N LYS C 105 -9.53 6.26 28.39
CA LYS C 105 -9.22 6.11 29.80
C LYS C 105 -8.08 5.08 29.93
N LEU C 106 -6.82 5.58 29.90
CA LEU C 106 -5.63 4.72 30.00
C LEU C 106 -5.45 4.19 31.42
N SER C 107 -4.80 3.02 31.57
CA SER C 107 -4.53 2.42 32.88
C SER C 107 -3.39 3.15 33.61
N TYR C 108 -2.48 3.74 32.81
CA TYR C 108 -1.29 4.47 33.24
C TYR C 108 -0.28 3.52 33.91
N GLU C 109 0.22 2.60 33.10
CA GLU C 109 1.23 1.61 33.45
C GLU C 109 2.46 1.94 32.61
N PHE C 110 3.65 1.80 33.19
CA PHE C 110 4.90 2.15 32.52
C PHE C 110 5.88 0.99 32.52
N TYR C 111 6.77 0.93 31.53
CA TYR C 111 7.78 -0.13 31.45
C TYR C 111 9.03 0.23 32.24
N ILE C 112 9.25 -0.47 33.36
CA ILE C 112 10.42 -0.28 34.20
C ILE C 112 11.39 -1.46 33.92
N PRO C 113 12.52 -1.21 33.21
CA PRO C 113 13.44 -2.31 32.93
C PRO C 113 14.06 -2.89 34.20
N SER C 114 14.25 -4.21 34.25
CA SER C 114 14.87 -4.85 35.41
C SER C 114 16.41 -4.62 35.34
N PRO C 115 17.18 -4.72 36.45
CA PRO C 115 18.64 -4.51 36.35
C PRO C 115 19.34 -5.43 35.34
N GLU C 116 18.73 -6.61 35.07
CA GLU C 116 19.23 -7.62 34.12
C GLU C 116 19.26 -7.14 32.66
N ARG C 117 18.48 -6.08 32.33
CA ARG C 117 18.42 -5.45 31.00
C ARG C 117 19.74 -4.75 30.69
N LEU C 118 20.42 -4.24 31.73
CA LEU C 118 21.69 -3.53 31.61
C LEU C 118 22.93 -4.45 31.72
N GLU C 119 22.71 -5.78 31.79
CA GLU C 119 23.80 -6.77 31.85
C GLU C 119 24.56 -6.76 30.53
N GLY C 120 25.88 -6.59 30.62
CA GLY C 120 26.76 -6.50 29.47
C GLY C 120 27.40 -5.13 29.37
N TYR C 121 26.60 -4.08 29.62
CA TYR C 121 27.05 -2.69 29.59
C TYR C 121 27.73 -2.36 30.91
N LYS C 122 28.89 -1.69 30.85
CA LYS C 122 29.61 -1.28 32.05
C LYS C 122 29.09 0.10 32.46
N THR C 123 28.43 0.16 33.64
CA THR C 123 27.84 1.40 34.14
C THR C 123 28.54 1.90 35.41
N THR C 124 28.69 3.24 35.56
CA THR C 124 29.30 3.89 36.73
C THR C 124 28.40 3.70 37.95
N ILE C 125 27.06 3.78 37.73
CA ILE C 125 26.05 3.56 38.78
C ILE C 125 25.54 2.11 38.69
N PRO C 126 25.11 1.46 39.79
CA PRO C 126 24.64 0.06 39.68
C PRO C 126 23.38 -0.10 38.82
N PRO C 127 23.18 -1.25 38.12
CA PRO C 127 21.97 -1.41 37.29
C PRO C 127 20.66 -1.23 38.05
N GLU C 128 20.67 -1.53 39.37
CA GLU C 128 19.52 -1.37 40.28
C GLU C 128 19.19 0.11 40.48
N ARG C 129 20.20 0.99 40.39
CA ARG C 129 20.04 2.44 40.54
C ARG C 129 19.40 3.03 39.27
N VAL C 130 19.68 2.41 38.09
CA VAL C 130 19.12 2.80 36.79
C VAL C 130 17.61 2.53 36.81
N THR C 131 17.21 1.33 37.31
CA THR C 131 15.83 0.88 37.49
C THR C 131 15.08 1.84 38.43
N GLU C 132 15.75 2.26 39.53
CA GLU C 132 15.23 3.18 40.54
C GLU C 132 15.02 4.58 39.95
N LYS C 133 16.01 5.08 39.18
CA LYS C 133 15.95 6.39 38.52
C LYS C 133 14.85 6.48 37.46
N ILE C 134 14.57 5.35 36.74
CA ILE C 134 13.49 5.25 35.74
C ILE C 134 12.13 5.32 36.45
N SER C 135 11.97 4.59 37.58
CA SER C 135 10.74 4.57 38.41
C SER C 135 10.47 5.94 39.00
N GLU C 136 11.54 6.63 39.46
CA GLU C 136 11.54 7.95 40.07
C GLU C 136 10.96 9.01 39.14
N ILE C 137 11.48 9.07 37.91
CA ILE C 137 11.06 10.03 36.89
C ILE C 137 9.66 9.70 36.30
N VAL C 138 9.24 8.41 36.26
CA VAL C 138 7.90 8.07 35.75
C VAL C 138 6.84 8.47 36.78
N ASP C 139 7.18 8.36 38.10
CA ASP C 139 6.30 8.76 39.20
C ASP C 139 6.12 10.28 39.19
N LYS C 140 7.24 11.02 39.00
CA LYS C 140 7.25 12.48 38.94
C LYS C 140 6.42 12.98 37.75
N ALA C 141 6.59 12.35 36.56
CA ALA C 141 5.86 12.72 35.35
C ALA C 141 4.38 12.39 35.45
N TYR C 142 4.05 11.21 36.00
CA TYR C 142 2.66 10.79 36.16
C TYR C 142 1.90 11.67 37.17
N ARG C 143 2.58 12.08 38.27
CA ARG C 143 2.02 12.95 39.30
C ARG C 143 1.74 14.34 38.73
N THR C 144 2.67 14.86 37.89
CA THR C 144 2.56 16.14 37.19
C THR C 144 1.34 16.09 36.25
N TYR C 145 1.15 14.96 35.54
CA TYR C 145 0.03 14.72 34.63
C TYR C 145 -1.31 14.79 35.35
N LEU C 146 -1.45 14.04 36.47
CA LEU C 146 -2.67 14.01 37.29
C LEU C 146 -2.98 15.38 37.87
N GLU C 147 -1.94 16.12 38.31
CA GLU C 147 -2.08 17.49 38.85
C GLU C 147 -2.65 18.45 37.81
N LEU C 148 -2.21 18.31 36.54
CA LEU C 148 -2.68 19.12 35.41
C LEU C 148 -4.12 18.73 35.04
N ILE C 149 -4.40 17.41 35.02
CA ILE C 149 -5.73 16.85 34.74
C ILE C 149 -6.77 17.31 35.78
N GLU C 150 -6.39 17.27 37.06
CA GLU C 150 -7.23 17.71 38.19
C GLU C 150 -7.48 19.20 38.13
N SER C 151 -6.47 20.00 37.71
CA SER C 151 -6.59 21.46 37.61
C SER C 151 -7.39 21.95 36.39
N GLY C 152 -7.81 21.04 35.50
CA GLY C 152 -8.63 21.40 34.35
C GLY C 152 -7.99 21.39 32.98
N VAL C 153 -6.71 20.99 32.88
CA VAL C 153 -5.96 20.94 31.61
C VAL C 153 -6.53 19.77 30.75
N PRO C 154 -6.94 20.01 29.47
CA PRO C 154 -7.46 18.91 28.65
C PRO C 154 -6.43 17.78 28.44
N ARG C 155 -6.90 16.51 28.41
CA ARG C 155 -6.09 15.29 28.26
C ARG C 155 -5.01 15.40 27.18
N GLU C 156 -5.37 15.92 25.99
CA GLU C 156 -4.48 16.10 24.83
C GLU C 156 -3.24 16.98 25.08
N VAL C 157 -3.33 17.91 26.04
CA VAL C 157 -2.24 18.83 26.41
C VAL C 157 -1.46 18.26 27.60
N ALA C 158 -2.18 17.77 28.63
CA ALA C 158 -1.61 17.23 29.86
C ALA C 158 -0.76 15.99 29.64
N ARG C 159 -1.14 15.15 28.67
CA ARG C 159 -0.48 13.88 28.36
C ARG C 159 0.92 14.01 27.75
N ILE C 160 1.25 15.19 27.17
CA ILE C 160 2.51 15.43 26.46
C ILE C 160 3.74 15.30 27.40
N VAL C 161 3.52 15.38 28.72
CA VAL C 161 4.58 15.27 29.73
C VAL C 161 4.94 13.82 30.06
N LEU C 162 4.07 12.87 29.71
CA LEU C 162 4.24 11.44 30.00
C LEU C 162 5.41 10.80 29.24
N PRO C 163 6.23 9.92 29.88
CA PRO C 163 7.38 9.32 29.18
C PRO C 163 7.05 8.30 28.10
N LEU C 164 8.05 7.98 27.25
CA LEU C 164 7.94 7.06 26.12
C LEU C 164 7.78 5.59 26.53
N ASN C 165 8.00 5.27 27.83
CA ASN C 165 7.88 3.92 28.39
C ASN C 165 6.43 3.58 28.83
N LEU C 166 5.51 4.56 28.73
CA LEU C 166 4.08 4.42 29.03
C LEU C 166 3.48 3.33 28.15
N TYR C 167 2.57 2.52 28.72
CA TYR C 167 1.94 1.42 27.98
C TYR C 167 0.71 1.86 27.18
N THR C 168 0.63 1.42 25.90
CA THR C 168 -0.50 1.65 24.98
C THR C 168 -1.06 0.31 24.50
N ARG C 169 -2.31 0.29 24.02
CA ARG C 169 -2.96 -0.90 23.47
C ARG C 169 -3.44 -0.66 22.05
N PHE C 170 -3.23 -1.65 21.18
CA PHE C 170 -3.65 -1.58 19.78
C PHE C 170 -4.07 -2.92 19.19
N PHE C 171 -4.79 -2.86 18.07
CA PHE C 171 -5.25 -4.02 17.30
C PHE C 171 -4.43 -4.06 16.02
N TRP C 172 -3.85 -5.22 15.70
CA TRP C 172 -3.00 -5.39 14.52
C TRP C 172 -3.53 -6.47 13.59
N THR C 173 -4.04 -6.07 12.41
CA THR C 173 -4.50 -6.97 11.35
C THR C 173 -3.40 -6.98 10.28
N VAL C 174 -2.74 -8.14 10.12
CA VAL C 174 -1.61 -8.31 9.21
C VAL C 174 -1.67 -9.68 8.50
N ASN C 175 -1.32 -9.73 7.20
CA ASN C 175 -1.30 -11.01 6.48
C ASN C 175 0.05 -11.72 6.72
N ALA C 176 0.16 -13.02 6.39
CA ALA C 176 1.38 -13.79 6.63
C ALA C 176 2.62 -13.24 5.94
N ARG C 177 2.48 -12.65 4.73
CA ARG C 177 3.60 -12.06 3.98
C ARG C 177 4.21 -10.87 4.72
N SER C 178 3.35 -9.91 5.14
CA SER C 178 3.79 -8.72 5.87
C SER C 178 4.28 -9.09 7.27
N LEU C 179 3.70 -10.16 7.88
CA LEU C 179 4.09 -10.71 9.17
C LEU C 179 5.51 -11.30 9.05
N MET C 180 5.81 -11.95 7.91
CA MET C 180 7.13 -12.55 7.67
C MET C 180 8.21 -11.48 7.44
N ASN C 181 7.82 -10.30 6.93
CA ASN C 181 8.71 -9.14 6.76
C ASN C 181 9.01 -8.57 8.16
N PHE C 182 7.97 -8.43 9.01
CA PHE C 182 8.06 -7.96 10.39
C PHE C 182 9.01 -8.87 11.19
N LEU C 183 8.82 -10.22 11.12
CA LEU C 183 9.68 -11.18 11.84
C LEU C 183 11.14 -11.11 11.38
N ASN C 184 11.36 -10.85 10.07
CA ASN C 184 12.69 -10.70 9.48
C ASN C 184 13.48 -9.55 10.09
N LEU C 185 12.79 -8.39 10.24
CA LEU C 185 13.30 -7.11 10.72
C LEU C 185 13.32 -6.95 12.24
N ARG C 186 12.23 -7.33 12.94
CA ARG C 186 12.06 -7.14 14.37
C ARG C 186 12.52 -8.35 15.23
N ALA C 187 12.41 -9.58 14.70
CA ALA C 187 12.93 -10.77 15.42
C ALA C 187 14.37 -10.97 14.93
N ASP C 188 15.24 -9.99 15.23
CA ASP C 188 16.65 -9.96 14.85
C ASP C 188 17.43 -9.11 15.86
N SER C 189 18.71 -9.48 16.11
CA SER C 189 19.61 -8.82 17.06
C SER C 189 19.82 -7.32 16.84
N HIS C 190 19.72 -6.83 15.58
CA HIS C 190 19.89 -5.42 15.21
C HIS C 190 18.73 -4.54 15.70
N ALA C 191 17.54 -5.14 15.90
CA ALA C 191 16.35 -4.46 16.41
C ALA C 191 16.49 -4.36 17.93
N GLN C 192 15.80 -3.38 18.56
CA GLN C 192 15.85 -3.18 20.01
C GLN C 192 15.34 -4.41 20.75
N TRP C 193 16.00 -4.81 21.86
CA TRP C 193 15.64 -6.00 22.65
C TRP C 193 14.14 -6.07 23.01
N GLU C 194 13.52 -4.91 23.30
CA GLU C 194 12.10 -4.77 23.66
C GLU C 194 11.16 -5.28 22.58
N ILE C 195 11.38 -4.89 21.32
CA ILE C 195 10.53 -5.31 20.19
C ILE C 195 10.86 -6.75 19.77
N GLN C 196 12.14 -7.21 19.98
CA GLN C 196 12.57 -8.58 19.69
C GLN C 196 11.66 -9.55 20.45
N GLN C 197 11.40 -9.24 21.74
CA GLN C 197 10.54 -10.01 22.65
C GLN C 197 9.13 -10.12 22.11
N TYR C 198 8.54 -8.99 21.66
CA TYR C 198 7.21 -8.93 21.07
C TYR C 198 7.17 -9.74 19.78
N ALA C 199 8.22 -9.66 18.94
CA ALA C 199 8.30 -10.42 17.68
C ALA C 199 8.40 -11.95 17.94
N LEU C 200 9.06 -12.37 19.04
CA LEU C 200 9.16 -13.78 19.41
C LEU C 200 7.77 -14.38 19.73
N ALA C 201 6.91 -13.61 20.41
CA ALA C 201 5.54 -14.05 20.71
C ALA C 201 4.72 -14.15 19.41
N ILE C 202 4.92 -13.19 18.45
CA ILE C 202 4.27 -13.14 17.12
C ILE C 202 4.67 -14.39 16.35
N ALA C 203 5.97 -14.73 16.38
CA ALA C 203 6.51 -15.94 15.75
C ALA C 203 5.89 -17.18 16.37
N ARG C 204 5.70 -17.19 17.72
CA ARG C 204 5.11 -18.32 18.45
C ARG C 204 3.65 -18.55 18.00
N ILE C 205 2.84 -17.47 17.94
CA ILE C 205 1.45 -17.53 17.50
C ILE C 205 1.37 -17.96 16.03
N PHE C 206 2.29 -17.43 15.19
CA PHE C 206 2.39 -17.76 13.76
C PHE C 206 2.72 -19.25 13.55
N LYS C 207 3.68 -19.80 14.33
CA LYS C 207 4.11 -21.21 14.31
C LYS C 207 2.95 -22.12 14.69
N GLU C 208 2.18 -21.75 15.73
CA GLU C 208 1.03 -22.50 16.23
C GLU C 208 -0.12 -22.62 15.19
N LYS C 209 -0.40 -21.54 14.44
CA LYS C 209 -1.47 -21.48 13.44
C LYS C 209 -1.05 -21.93 12.04
N CYS C 210 0.19 -21.60 11.62
CA CYS C 210 0.77 -21.92 10.31
C CYS C 210 2.11 -22.69 10.49
N PRO C 211 2.11 -23.95 10.99
CA PRO C 211 3.39 -24.66 11.23
C PRO C 211 4.24 -24.93 9.99
N TRP C 212 3.62 -25.28 8.85
CA TRP C 212 4.33 -25.57 7.61
C TRP C 212 4.99 -24.30 7.05
N THR C 213 4.24 -23.19 7.01
CA THR C 213 4.71 -21.88 6.52
C THR C 213 5.85 -21.36 7.40
N PHE C 214 5.71 -21.45 8.73
CA PHE C 214 6.75 -20.99 9.67
C PHE C 214 8.04 -21.79 9.50
N GLU C 215 7.94 -23.13 9.40
CA GLU C 215 9.08 -24.05 9.22
C GLU C 215 9.82 -23.75 7.90
N ALA C 216 9.05 -23.59 6.80
CA ALA C 216 9.57 -23.26 5.48
C ALA C 216 10.24 -21.88 5.53
N PHE C 217 9.60 -20.91 6.23
CA PHE C 217 10.11 -19.56 6.39
C PHE C 217 11.48 -19.53 7.01
N LEU C 218 11.69 -20.21 8.15
CA LEU C 218 12.99 -20.26 8.80
C LEU C 218 14.02 -20.99 7.94
N LYS C 219 13.59 -22.02 7.18
CA LYS C 219 14.46 -22.80 6.31
C LYS C 219 14.94 -22.08 5.05
N TYR C 220 14.06 -21.27 4.40
CA TYR C 220 14.44 -20.68 3.11
C TYR C 220 14.36 -19.16 2.97
N ALA C 221 13.45 -18.46 3.69
CA ALA C 221 13.23 -17.02 3.51
C ALA C 221 13.69 -16.09 4.65
N TYR C 222 13.71 -16.59 5.90
CA TYR C 222 14.08 -15.84 7.10
C TYR C 222 15.50 -15.30 7.04
N LYS C 223 15.63 -13.97 7.14
CA LYS C 223 16.86 -13.19 7.05
C LYS C 223 17.49 -12.82 8.42
N GLY C 224 16.68 -12.79 9.49
CA GLY C 224 17.13 -12.49 10.85
C GLY C 224 17.97 -13.58 11.49
N ASP C 225 18.27 -13.46 12.81
CA ASP C 225 19.13 -14.42 13.51
C ASP C 225 18.53 -15.12 14.75
N ILE C 226 17.83 -14.38 15.63
CA ILE C 226 17.31 -14.90 16.90
C ILE C 226 16.34 -16.09 16.75
N LEU C 227 15.56 -16.19 15.64
CA LEU C 227 14.61 -17.31 15.45
C LEU C 227 15.28 -18.65 15.10
N LYS C 228 16.50 -18.61 14.55
CA LYS C 228 17.29 -19.79 14.20
C LYS C 228 18.15 -20.25 15.40
N GLU C 229 18.12 -19.49 16.51
CA GLU C 229 18.86 -19.76 17.73
C GLU C 229 17.93 -20.07 18.91
N VAL C 230 16.85 -19.29 19.07
CA VAL C 230 15.87 -19.40 20.16
C VAL C 230 14.65 -20.27 19.75
N GLN C 231 14.23 -21.17 20.65
CA GLN C 231 13.08 -22.07 20.48
C GLN C 231 11.83 -21.41 21.08
N MET D 13 -21.08 -19.79 -0.16
CA MET D 13 -21.91 -18.92 -1.00
C MET D 13 -21.36 -18.80 -2.41
N LYS D 14 -22.17 -19.11 -3.43
CA LYS D 14 -21.76 -19.01 -4.83
C LYS D 14 -22.84 -18.36 -5.68
N ILE D 15 -22.52 -17.21 -6.27
CA ILE D 15 -23.42 -16.46 -7.14
C ILE D 15 -22.88 -16.53 -8.56
N ASP D 16 -23.69 -17.04 -9.50
CA ASP D 16 -23.30 -17.16 -10.91
C ASP D 16 -23.49 -15.81 -11.61
N ILE D 17 -22.46 -15.38 -12.37
CA ILE D 17 -22.43 -14.11 -13.09
C ILE D 17 -22.23 -14.39 -14.57
N LEU D 18 -22.95 -13.66 -15.45
CA LEU D 18 -22.89 -13.78 -16.91
C LEU D 18 -23.24 -15.23 -17.38
N ASP D 19 -22.77 -15.63 -18.57
CA ASP D 19 -23.08 -16.94 -19.11
C ASP D 19 -22.34 -18.11 -18.41
N LYS D 20 -21.03 -17.95 -18.08
CA LYS D 20 -20.20 -19.02 -17.47
C LYS D 20 -19.40 -18.63 -16.20
N GLY D 21 -19.60 -17.42 -15.69
CA GLY D 21 -18.83 -16.92 -14.55
C GLY D 21 -19.50 -17.06 -13.20
N PHE D 22 -18.72 -16.80 -12.14
CA PHE D 22 -19.19 -16.87 -10.76
C PHE D 22 -18.35 -16.03 -9.78
N VAL D 23 -18.87 -15.92 -8.55
CA VAL D 23 -18.25 -15.27 -7.38
C VAL D 23 -18.57 -16.26 -6.24
N GLU D 24 -17.53 -16.84 -5.65
CA GLU D 24 -17.67 -17.83 -4.60
C GLU D 24 -16.93 -17.35 -3.34
N LEU D 25 -17.59 -17.39 -2.17
CA LEU D 25 -16.94 -16.99 -0.91
C LEU D 25 -16.14 -18.17 -0.36
N VAL D 26 -14.80 -18.01 -0.31
CA VAL D 26 -13.85 -19.01 0.15
C VAL D 26 -13.75 -19.00 1.69
N ASP D 27 -13.47 -17.82 2.26
CA ASP D 27 -13.31 -17.62 3.70
C ASP D 27 -13.61 -16.16 4.10
N VAL D 28 -13.81 -15.95 5.40
CA VAL D 28 -14.08 -14.65 5.99
C VAL D 28 -13.50 -14.61 7.41
N MET D 29 -13.01 -13.43 7.82
CA MET D 29 -12.50 -13.19 9.15
C MET D 29 -13.30 -12.05 9.74
N GLY D 30 -13.92 -12.33 10.87
CA GLY D 30 -14.73 -11.36 11.59
C GLY D 30 -16.11 -11.11 11.04
N ASN D 31 -16.82 -10.21 11.71
CA ASN D 31 -18.19 -9.79 11.40
C ASN D 31 -18.30 -8.31 11.77
N ASP D 32 -19.51 -7.80 12.00
CA ASP D 32 -19.75 -6.41 12.38
C ASP D 32 -19.07 -6.03 13.68
N LEU D 33 -19.03 -6.97 14.67
CA LEU D 33 -18.41 -6.75 15.99
C LEU D 33 -16.88 -6.65 15.93
N SER D 34 -16.25 -7.19 14.87
CA SER D 34 -14.80 -7.10 14.68
C SER D 34 -14.40 -5.62 14.53
N ALA D 35 -15.28 -4.82 13.85
CA ALA D 35 -15.15 -3.39 13.66
C ALA D 35 -15.48 -2.64 14.97
N VAL D 36 -16.43 -3.17 15.79
CA VAL D 36 -16.82 -2.60 17.10
C VAL D 36 -15.65 -2.74 18.09
N ARG D 37 -15.07 -3.97 18.20
CA ARG D 37 -13.92 -4.32 19.05
C ARG D 37 -12.70 -3.44 18.72
N ALA D 38 -12.44 -3.24 17.40
CA ALA D 38 -11.32 -2.43 16.92
C ALA D 38 -11.53 -0.93 17.18
N ALA D 39 -12.78 -0.45 17.11
CA ALA D 39 -13.10 0.95 17.38
C ALA D 39 -13.10 1.28 18.86
N ARG D 40 -13.75 0.43 19.71
CA ARG D 40 -13.89 0.62 21.16
C ARG D 40 -12.57 0.81 21.90
N VAL D 41 -11.44 0.42 21.27
CA VAL D 41 -10.10 0.65 21.80
C VAL D 41 -9.85 2.18 21.86
N SER D 42 -10.33 2.93 20.85
CA SER D 42 -10.23 4.39 20.75
C SER D 42 -11.28 5.08 21.64
N ASP D 49 -23.99 -4.85 24.09
CA ASP D 49 -25.39 -4.53 23.81
C ASP D 49 -25.60 -4.36 22.30
N GLU D 50 -26.48 -5.19 21.70
CA GLU D 50 -26.79 -5.20 20.26
C GLU D 50 -27.16 -3.82 19.70
N GLU D 51 -28.05 -3.09 20.41
CA GLU D 51 -28.50 -1.75 20.01
C GLU D 51 -27.36 -0.72 20.07
N ARG D 52 -26.52 -0.78 21.13
CA ARG D 52 -25.37 0.11 21.33
C ARG D 52 -24.25 -0.17 20.33
N ASP D 53 -24.03 -1.46 19.99
CA ASP D 53 -23.01 -1.88 19.04
C ASP D 53 -23.39 -1.50 17.61
N ARG D 54 -24.69 -1.67 17.26
CA ARG D 54 -25.21 -1.31 15.94
C ARG D 54 -25.19 0.22 15.76
N HIS D 55 -25.41 0.96 16.86
CA HIS D 55 -25.39 2.42 16.90
C HIS D 55 -23.96 2.92 16.65
N LEU D 56 -22.94 2.16 17.11
CA LEU D 56 -21.52 2.48 16.91
C LEU D 56 -21.15 2.34 15.45
N ILE D 57 -21.61 1.24 14.81
CA ILE D 57 -21.44 0.92 13.38
C ILE D 57 -21.93 2.10 12.54
N GLU D 58 -23.15 2.59 12.82
CA GLU D 58 -23.77 3.72 12.12
C GLU D 58 -23.02 5.03 12.41
N TYR D 59 -22.47 5.20 13.63
CA TYR D 59 -21.69 6.38 14.02
C TYR D 59 -20.36 6.44 13.27
N LEU D 60 -19.61 5.32 13.23
CA LEU D 60 -18.31 5.20 12.54
C LEU D 60 -18.46 5.47 11.04
N MET D 61 -19.55 4.95 10.43
CA MET D 61 -19.88 5.11 9.02
C MET D 61 -20.26 6.54 8.67
N LYS D 62 -21.22 7.15 9.41
CA LYS D 62 -21.68 8.52 9.14
C LYS D 62 -20.63 9.60 9.45
N HIS D 63 -19.61 9.30 10.27
CA HIS D 63 -18.56 10.27 10.63
C HIS D 63 -17.20 10.01 9.94
N GLY D 64 -17.16 9.05 9.03
CA GLY D 64 -15.96 8.73 8.27
C GLY D 64 -14.83 8.03 8.99
N HIS D 65 -15.14 7.33 10.09
CA HIS D 65 -14.17 6.54 10.87
C HIS D 65 -14.10 5.17 10.17
N GLU D 66 -13.26 5.07 9.13
CA GLU D 66 -13.15 3.89 8.27
C GLU D 66 -12.16 2.81 8.70
N THR D 67 -11.12 3.15 9.50
CA THR D 67 -10.08 2.20 9.92
C THR D 67 -10.61 0.97 10.69
N PRO D 68 -11.66 1.05 11.58
CA PRO D 68 -12.13 -0.18 12.26
C PRO D 68 -12.64 -1.29 11.31
N PHE D 69 -13.11 -0.90 10.10
CA PHE D 69 -13.64 -1.81 9.08
C PHE D 69 -12.56 -2.61 8.33
N GLU D 70 -11.28 -2.23 8.49
CA GLU D 70 -10.14 -2.91 7.88
C GLU D 70 -9.85 -4.25 8.59
N HIS D 71 -10.48 -4.47 9.76
CA HIS D 71 -10.30 -5.66 10.60
C HIS D 71 -11.24 -6.83 10.21
N ILE D 72 -12.11 -6.62 9.19
CA ILE D 72 -13.03 -7.61 8.63
C ILE D 72 -12.44 -7.93 7.25
N VAL D 73 -11.96 -9.17 7.04
CA VAL D 73 -11.33 -9.57 5.79
C VAL D 73 -12.11 -10.69 5.11
N PHE D 74 -12.17 -10.71 3.76
CA PHE D 74 -12.87 -11.70 2.94
C PHE D 74 -11.94 -12.33 1.91
N THR D 75 -12.16 -13.62 1.56
CA THR D 75 -11.46 -14.32 0.49
C THR D 75 -12.49 -14.84 -0.50
N PHE D 76 -12.40 -14.38 -1.76
CA PHE D 76 -13.31 -14.79 -2.83
C PHE D 76 -12.59 -15.57 -3.91
N HIS D 77 -13.34 -16.40 -4.64
CA HIS D 77 -12.90 -17.13 -5.81
C HIS D 77 -13.78 -16.63 -6.94
N VAL D 78 -13.18 -15.90 -7.90
CA VAL D 78 -13.90 -15.28 -9.01
C VAL D 78 -13.46 -15.88 -10.34
N LYS D 79 -14.44 -16.17 -11.21
CA LYS D 79 -14.25 -16.65 -12.59
C LYS D 79 -14.88 -15.54 -13.45
N ALA D 80 -14.06 -14.73 -14.09
CA ALA D 80 -14.49 -13.57 -14.86
C ALA D 80 -13.70 -13.43 -16.15
N PRO D 81 -14.26 -12.78 -17.21
CA PRO D 81 -13.47 -12.59 -18.43
C PRO D 81 -12.29 -11.66 -18.16
N ILE D 82 -11.21 -11.80 -18.94
CA ILE D 82 -9.99 -11.00 -18.81
C ILE D 82 -10.28 -9.48 -18.78
N PHE D 83 -11.20 -8.98 -19.63
CA PHE D 83 -11.52 -7.54 -19.64
C PHE D 83 -12.13 -7.04 -18.32
N VAL D 84 -12.88 -7.91 -17.62
CA VAL D 84 -13.48 -7.61 -16.32
C VAL D 84 -12.34 -7.63 -15.25
N ALA D 85 -11.51 -8.71 -15.26
CA ALA D 85 -10.34 -8.89 -14.38
C ALA D 85 -9.37 -7.70 -14.48
N ARG D 86 -9.14 -7.18 -15.70
CA ARG D 86 -8.28 -6.01 -15.92
C ARG D 86 -8.77 -4.77 -15.16
N GLN D 87 -10.10 -4.58 -15.07
CA GLN D 87 -10.72 -3.45 -14.36
C GLN D 87 -10.66 -3.69 -12.85
N TRP D 88 -10.87 -4.96 -12.43
CA TRP D 88 -10.86 -5.40 -11.04
C TRP D 88 -9.46 -5.24 -10.41
N PHE D 89 -8.44 -5.80 -11.08
CA PHE D 89 -7.03 -5.83 -10.62
C PHE D 89 -6.40 -4.44 -10.47
N ARG D 90 -7.13 -3.38 -10.87
CA ARG D 90 -6.71 -1.98 -10.70
C ARG D 90 -6.82 -1.56 -9.23
N HIS D 91 -7.59 -2.33 -8.43
CA HIS D 91 -7.80 -2.13 -7.00
C HIS D 91 -6.61 -2.75 -6.28
N ARG D 92 -5.59 -1.92 -6.03
CA ARG D 92 -4.28 -2.25 -5.43
C ARG D 92 -4.31 -2.64 -3.96
N ILE D 93 -5.29 -2.12 -3.19
CA ILE D 93 -5.36 -2.42 -1.75
C ILE D 93 -6.16 -3.72 -1.56
N ALA D 94 -5.56 -4.83 -2.03
CA ALA D 94 -6.10 -6.19 -2.00
C ALA D 94 -5.01 -7.20 -2.36
N SER D 95 -5.32 -8.50 -2.21
CA SER D 95 -4.42 -9.61 -2.54
C SER D 95 -5.01 -10.42 -3.69
N TYR D 96 -4.20 -10.70 -4.72
CA TYR D 96 -4.64 -11.44 -5.89
C TYR D 96 -3.79 -12.66 -6.16
N ASN D 97 -4.39 -13.68 -6.76
CA ASN D 97 -3.72 -14.90 -7.22
C ASN D 97 -4.55 -15.45 -8.35
N GLU D 98 -4.03 -15.32 -9.57
CA GLU D 98 -4.69 -15.69 -10.82
C GLU D 98 -4.06 -16.90 -11.50
N LEU D 99 -4.87 -17.53 -12.39
CA LEU D 99 -4.55 -18.64 -13.30
C LEU D 99 -3.45 -18.09 -14.24
N SER D 100 -2.32 -18.82 -14.31
CA SER D 100 -1.11 -18.43 -15.05
C SER D 100 -1.34 -18.01 -16.50
N GLY D 101 -1.74 -18.96 -17.36
CA GLY D 101 -1.92 -18.73 -18.79
C GLY D 101 -0.69 -19.22 -19.53
N ARG D 102 0.48 -18.84 -19.01
CA ARG D 102 1.78 -19.29 -19.52
C ARG D 102 2.02 -20.78 -19.20
N TYR D 103 1.41 -21.32 -18.13
CA TYR D 103 1.61 -22.71 -17.71
C TYR D 103 0.31 -23.53 -17.57
N SER D 104 -0.86 -22.87 -17.54
CA SER D 104 -2.19 -23.51 -17.41
C SER D 104 -2.77 -24.03 -18.75
N LYS D 105 -3.70 -25.00 -18.67
CA LYS D 105 -4.41 -25.60 -19.81
C LYS D 105 -5.67 -24.78 -20.16
N LEU D 106 -5.64 -24.09 -21.32
CA LEU D 106 -6.72 -23.18 -21.79
C LEU D 106 -8.01 -23.91 -22.23
N SER D 107 -9.04 -23.87 -21.34
CA SER D 107 -10.36 -24.45 -21.56
C SER D 107 -11.17 -23.52 -22.48
N TYR D 108 -12.09 -24.10 -23.29
CA TYR D 108 -12.94 -23.35 -24.22
C TYR D 108 -14.06 -22.57 -23.47
N GLU D 109 -13.64 -21.60 -22.62
CA GLU D 109 -14.56 -20.80 -21.82
C GLU D 109 -14.39 -19.30 -22.10
N PHE D 110 -15.29 -18.74 -22.93
CA PHE D 110 -15.29 -17.33 -23.36
C PHE D 110 -16.65 -16.72 -23.11
N TYR D 111 -16.68 -15.43 -22.80
CA TYR D 111 -17.93 -14.70 -22.55
C TYR D 111 -18.61 -14.28 -23.86
N ILE D 112 -19.73 -14.94 -24.17
CA ILE D 112 -20.52 -14.63 -25.35
C ILE D 112 -21.76 -13.86 -24.86
N PRO D 113 -21.84 -12.53 -25.12
CA PRO D 113 -23.02 -11.77 -24.66
C PRO D 113 -24.31 -12.25 -25.32
N SER D 114 -25.39 -12.31 -24.55
CA SER D 114 -26.69 -12.72 -25.07
C SER D 114 -27.29 -11.54 -25.89
N PRO D 115 -28.25 -11.78 -26.83
CA PRO D 115 -28.82 -10.65 -27.59
C PRO D 115 -29.41 -9.54 -26.70
N GLU D 116 -29.83 -9.91 -25.48
CA GLU D 116 -30.42 -9.02 -24.48
C GLU D 116 -29.45 -7.94 -23.96
N ARG D 117 -28.12 -8.16 -24.11
CA ARG D 117 -27.06 -7.21 -23.73
C ARG D 117 -27.10 -5.96 -24.62
N LEU D 118 -27.54 -6.14 -25.89
CA LEU D 118 -27.63 -5.07 -26.88
C LEU D 118 -29.00 -4.37 -26.89
N GLU D 119 -29.90 -4.71 -25.95
CA GLU D 119 -31.22 -4.09 -25.82
C GLU D 119 -31.04 -2.62 -25.40
N GLY D 120 -31.66 -1.73 -26.17
CA GLY D 120 -31.57 -0.29 -25.97
C GLY D 120 -30.85 0.38 -27.14
N TYR D 121 -29.77 -0.25 -27.61
CA TYR D 121 -28.97 0.25 -28.73
C TYR D 121 -29.65 -0.16 -30.03
N LYS D 122 -29.73 0.77 -30.99
CA LYS D 122 -30.32 0.49 -32.30
C LYS D 122 -29.20 -0.01 -33.20
N THR D 123 -29.29 -1.28 -33.63
CA THR D 123 -28.26 -1.91 -34.47
C THR D 123 -28.77 -2.24 -35.89
N THR D 124 -27.89 -2.09 -36.91
CA THR D 124 -28.21 -2.38 -38.32
C THR D 124 -28.43 -3.88 -38.50
N ILE D 125 -27.62 -4.71 -37.82
CA ILE D 125 -27.74 -6.17 -37.82
C ILE D 125 -28.51 -6.61 -36.54
N PRO D 126 -29.26 -7.75 -36.56
CA PRO D 126 -29.99 -8.17 -35.35
C PRO D 126 -29.08 -8.50 -34.16
N PRO D 127 -29.53 -8.28 -32.89
CA PRO D 127 -28.67 -8.58 -31.74
C PRO D 127 -28.17 -10.03 -31.70
N GLU D 128 -28.96 -10.96 -32.26
CA GLU D 128 -28.65 -12.39 -32.37
C GLU D 128 -27.46 -12.62 -33.32
N ARG D 129 -27.30 -11.75 -34.33
CA ARG D 129 -26.20 -11.81 -35.30
C ARG D 129 -24.89 -11.33 -34.66
N VAL D 130 -24.98 -10.38 -33.69
CA VAL D 130 -23.85 -9.84 -32.92
C VAL D 130 -23.27 -10.98 -32.05
N THR D 131 -24.17 -11.73 -31.36
CA THR D 131 -23.87 -12.90 -30.52
C THR D 131 -23.17 -13.98 -31.38
N GLU D 132 -23.68 -14.21 -32.61
CA GLU D 132 -23.15 -15.19 -33.57
C GLU D 132 -21.75 -14.78 -34.05
N LYS D 133 -21.57 -13.48 -34.39
CA LYS D 133 -20.28 -12.94 -34.85
C LYS D 133 -19.19 -13.00 -33.76
N ILE D 134 -19.58 -12.84 -32.46
CA ILE D 134 -18.67 -12.93 -31.31
C ILE D 134 -18.23 -14.40 -31.14
N SER D 135 -19.18 -15.36 -31.25
CA SER D 135 -18.92 -16.81 -31.15
C SER D 135 -18.00 -17.28 -32.27
N GLU D 136 -18.23 -16.74 -33.49
CA GLU D 136 -17.52 -17.02 -34.73
C GLU D 136 -16.02 -16.70 -34.62
N ILE D 137 -15.72 -15.47 -34.15
CA ILE D 137 -14.36 -14.98 -34.01
C ILE D 137 -13.64 -15.62 -32.81
N VAL D 138 -14.37 -16.04 -31.74
CA VAL D 138 -13.71 -16.69 -30.61
C VAL D 138 -13.31 -18.13 -31.00
N ASP D 139 -14.15 -18.79 -31.83
CA ASP D 139 -13.88 -20.15 -32.33
C ASP D 139 -12.67 -20.10 -33.24
N LYS D 140 -12.59 -19.09 -34.13
CA LYS D 140 -11.48 -18.90 -35.06
C LYS D 140 -10.18 -18.66 -34.29
N ALA D 141 -10.22 -17.80 -33.24
CA ALA D 141 -9.06 -17.46 -32.40
C ALA D 141 -8.62 -18.61 -31.51
N TYR D 142 -9.58 -19.41 -30.99
CA TYR D 142 -9.28 -20.58 -30.16
C TYR D 142 -8.68 -21.71 -31.00
N ARG D 143 -9.18 -21.91 -32.24
CA ARG D 143 -8.68 -22.93 -33.17
C ARG D 143 -7.26 -22.61 -33.61
N THR D 144 -6.98 -21.30 -33.87
CA THR D 144 -5.65 -20.78 -34.23
C THR D 144 -4.67 -21.05 -33.07
N TYR D 145 -5.14 -20.83 -31.82
CA TYR D 145 -4.37 -21.06 -30.60
C TYR D 145 -3.97 -22.54 -30.47
N LEU D 146 -4.93 -23.47 -30.60
CA LEU D 146 -4.69 -24.92 -30.52
C LEU D 146 -3.75 -25.38 -31.62
N GLU D 147 -3.89 -24.83 -32.84
CA GLU D 147 -3.04 -25.14 -34.00
C GLU D 147 -1.58 -24.76 -33.73
N LEU D 148 -1.36 -23.59 -33.06
CA LEU D 148 -0.02 -23.10 -32.69
C LEU D 148 0.55 -23.94 -31.56
N ILE D 149 -0.29 -24.30 -30.57
CA ILE D 149 0.07 -25.13 -29.42
C ILE D 149 0.51 -26.53 -29.89
N GLU D 150 -0.27 -27.13 -30.83
CA GLU D 150 0.01 -28.45 -31.41
C GLU D 150 1.29 -28.43 -32.24
N SER D 151 1.57 -27.31 -32.94
CA SER D 151 2.75 -27.16 -33.78
C SER D 151 4.05 -26.87 -32.99
N GLY D 152 3.96 -26.69 -31.67
CA GLY D 152 5.13 -26.48 -30.81
C GLY D 152 5.39 -25.08 -30.27
N VAL D 153 4.48 -24.12 -30.54
CA VAL D 153 4.60 -22.74 -30.06
C VAL D 153 4.36 -22.73 -28.52
N PRO D 154 5.27 -22.15 -27.70
CA PRO D 154 5.03 -22.12 -26.24
C PRO D 154 3.74 -21.36 -25.87
N ARG D 155 3.02 -21.83 -24.83
CA ARG D 155 1.75 -21.28 -24.34
C ARG D 155 1.73 -19.76 -24.21
N GLU D 156 2.80 -19.16 -23.63
CA GLU D 156 2.96 -17.72 -23.42
C GLU D 156 2.92 -16.88 -24.70
N VAL D 157 3.29 -17.47 -25.86
CA VAL D 157 3.30 -16.81 -27.17
C VAL D 157 1.97 -17.08 -27.92
N ALA D 158 1.52 -18.35 -27.97
CA ALA D 158 0.30 -18.74 -28.65
C ALA D 158 -0.96 -18.11 -28.07
N ARG D 159 -1.00 -17.88 -26.76
CA ARG D 159 -2.15 -17.32 -26.04
C ARG D 159 -2.47 -15.87 -26.37
N ILE D 160 -1.49 -15.10 -26.90
CA ILE D 160 -1.63 -13.67 -27.21
C ILE D 160 -2.70 -13.40 -28.30
N VAL D 161 -3.10 -14.44 -29.05
CA VAL D 161 -4.11 -14.36 -30.11
C VAL D 161 -5.55 -14.45 -29.54
N LEU D 162 -5.71 -14.98 -28.30
CA LEU D 162 -7.02 -15.17 -27.66
C LEU D 162 -7.74 -13.85 -27.31
N PRO D 163 -9.07 -13.76 -27.54
CA PRO D 163 -9.77 -12.48 -27.23
C PRO D 163 -9.88 -12.14 -25.75
N LEU D 164 -10.21 -10.86 -25.47
CA LEU D 164 -10.35 -10.30 -24.12
C LEU D 164 -11.55 -10.82 -23.34
N ASN D 165 -12.47 -11.53 -24.02
CA ASN D 165 -13.65 -12.12 -23.39
C ASN D 165 -13.38 -13.52 -22.79
N LEU D 166 -12.11 -13.99 -22.90
CA LEU D 166 -11.63 -15.26 -22.36
C LEU D 166 -11.74 -15.25 -20.84
N TYR D 167 -12.38 -16.28 -20.27
CA TYR D 167 -12.56 -16.42 -18.82
C TYR D 167 -11.26 -16.79 -18.09
N THR D 168 -11.02 -16.13 -16.95
CA THR D 168 -9.89 -16.39 -16.04
C THR D 168 -10.42 -16.64 -14.63
N ARG D 169 -9.60 -17.25 -13.77
CA ARG D 169 -9.96 -17.49 -12.37
C ARG D 169 -8.92 -16.89 -11.44
N PHE D 170 -9.39 -16.27 -10.35
CA PHE D 170 -8.51 -15.65 -9.37
C PHE D 170 -9.07 -15.70 -7.96
N PHE D 171 -8.18 -15.51 -6.98
CA PHE D 171 -8.49 -15.45 -5.55
C PHE D 171 -8.34 -14.00 -5.13
N TRP D 172 -9.36 -13.47 -4.44
CA TRP D 172 -9.36 -12.08 -4.00
C TRP D 172 -9.51 -11.96 -2.47
N THR D 173 -8.43 -11.55 -1.79
CA THR D 173 -8.42 -11.27 -0.35
C THR D 173 -8.47 -9.74 -0.19
N VAL D 174 -9.60 -9.25 0.35
CA VAL D 174 -9.87 -7.82 0.51
C VAL D 174 -10.54 -7.53 1.87
N ASN D 175 -10.15 -6.43 2.55
CA ASN D 175 -10.81 -6.05 3.81
C ASN D 175 -12.09 -5.26 3.52
N ALA D 176 -12.98 -5.07 4.50
CA ALA D 176 -14.26 -4.37 4.30
C ALA D 176 -14.13 -2.93 3.80
N ARG D 177 -13.07 -2.19 4.21
CA ARG D 177 -12.84 -0.81 3.79
C ARG D 177 -12.56 -0.72 2.28
N SER D 178 -11.60 -1.54 1.79
CA SER D 178 -11.24 -1.59 0.37
C SER D 178 -12.39 -2.18 -0.46
N LEU D 179 -13.18 -3.11 0.13
CA LEU D 179 -14.35 -3.72 -0.49
C LEU D 179 -15.43 -2.64 -0.68
N MET D 180 -15.58 -1.71 0.31
CA MET D 180 -16.56 -0.64 0.23
C MET D 180 -16.17 0.42 -0.81
N ASN D 181 -14.85 0.58 -1.07
CA ASN D 181 -14.33 1.47 -2.12
C ASN D 181 -14.68 0.85 -3.49
N PHE D 182 -14.47 -0.47 -3.62
CA PHE D 182 -14.76 -1.26 -4.82
C PHE D 182 -16.25 -1.14 -5.16
N LEU D 183 -17.15 -1.20 -4.16
CA LEU D 183 -18.61 -1.07 -4.35
C LEU D 183 -19.05 0.33 -4.74
N ASN D 184 -18.33 1.36 -4.29
CA ASN D 184 -18.65 2.75 -4.64
C ASN D 184 -18.32 3.02 -6.11
N LEU D 185 -17.30 2.32 -6.63
CA LEU D 185 -16.78 2.51 -7.99
C LEU D 185 -17.35 1.55 -9.04
N ARG D 186 -17.41 0.24 -8.71
CA ARG D 186 -17.83 -0.82 -9.62
C ARG D 186 -19.33 -1.15 -9.57
N ALA D 187 -19.97 -0.99 -8.40
CA ALA D 187 -21.42 -1.19 -8.28
C ALA D 187 -22.08 0.17 -8.52
N ASP D 188 -21.90 0.71 -9.74
CA ASP D 188 -22.41 2.02 -10.17
C ASP D 188 -22.59 2.01 -11.70
N SER D 189 -23.59 2.75 -12.20
CA SER D 189 -23.95 2.86 -13.62
C SER D 189 -22.81 3.33 -14.54
N HIS D 190 -21.85 4.13 -14.02
CA HIS D 190 -20.70 4.65 -14.79
C HIS D 190 -19.68 3.55 -15.12
N ALA D 191 -19.65 2.46 -14.34
CA ALA D 191 -18.78 1.30 -14.54
C ALA D 191 -19.43 0.42 -15.61
N GLN D 192 -18.65 -0.41 -16.34
CA GLN D 192 -19.18 -1.31 -17.38
C GLN D 192 -20.19 -2.28 -16.78
N TRP D 193 -21.30 -2.52 -17.48
CA TRP D 193 -22.39 -3.42 -17.05
C TRP D 193 -21.88 -4.81 -16.56
N GLU D 194 -20.85 -5.38 -17.22
CA GLU D 194 -20.26 -6.69 -16.87
C GLU D 194 -19.66 -6.72 -15.45
N ILE D 195 -18.88 -5.68 -15.05
CA ILE D 195 -18.27 -5.59 -13.70
C ILE D 195 -19.34 -5.22 -12.65
N GLN D 196 -20.38 -4.44 -13.04
CA GLN D 196 -21.50 -4.07 -12.17
C GLN D 196 -22.13 -5.34 -11.60
N GLN D 197 -22.33 -6.35 -12.46
CA GLN D 197 -22.89 -7.68 -12.14
C GLN D 197 -22.04 -8.38 -11.08
N TYR D 198 -20.71 -8.40 -11.28
CA TYR D 198 -19.77 -8.98 -10.32
C TYR D 198 -19.81 -8.23 -9.00
N ALA D 199 -19.89 -6.87 -9.07
CA ALA D 199 -19.94 -6.01 -7.89
C ALA D 199 -21.20 -6.26 -7.07
N LEU D 200 -22.35 -6.59 -7.74
CA LEU D 200 -23.62 -6.91 -7.08
C LEU D 200 -23.48 -8.20 -6.26
N ALA D 201 -22.71 -9.18 -6.79
CA ALA D 201 -22.42 -10.44 -6.11
C ALA D 201 -21.50 -10.18 -4.90
N ILE D 202 -20.53 -9.25 -5.04
CA ILE D 202 -19.61 -8.85 -3.96
C ILE D 202 -20.40 -8.20 -2.82
N ALA D 203 -21.41 -7.37 -3.17
CA ALA D 203 -22.31 -6.69 -2.24
C ALA D 203 -23.26 -7.65 -1.53
N ARG D 204 -23.77 -8.66 -2.27
CA ARG D 204 -24.68 -9.67 -1.71
C ARG D 204 -23.99 -10.50 -0.62
N ILE D 205 -22.77 -10.98 -0.90
CA ILE D 205 -21.97 -11.77 0.05
C ILE D 205 -21.59 -10.90 1.26
N PHE D 206 -21.25 -9.61 1.01
CA PHE D 206 -20.91 -8.63 2.06
C PHE D 206 -22.10 -8.38 2.98
N LYS D 207 -23.32 -8.21 2.42
CA LYS D 207 -24.59 -8.01 3.14
C LYS D 207 -24.89 -9.20 4.05
N GLU D 208 -24.71 -10.42 3.52
CA GLU D 208 -24.95 -11.68 4.23
C GLU D 208 -24.04 -11.86 5.46
N LYS D 209 -22.74 -11.49 5.36
CA LYS D 209 -21.75 -11.63 6.42
C LYS D 209 -21.65 -10.42 7.38
N CYS D 210 -21.82 -9.21 6.85
CA CYS D 210 -21.80 -7.97 7.63
C CYS D 210 -23.07 -7.15 7.39
N PRO D 211 -24.25 -7.60 7.89
CA PRO D 211 -25.49 -6.84 7.64
C PRO D 211 -25.53 -5.43 8.20
N TRP D 212 -24.97 -5.20 9.40
CA TRP D 212 -24.97 -3.86 10.02
C TRP D 212 -24.09 -2.89 9.24
N THR D 213 -22.86 -3.34 8.87
CA THR D 213 -21.88 -2.56 8.11
C THR D 213 -22.43 -2.22 6.72
N PHE D 214 -23.02 -3.21 6.03
CA PHE D 214 -23.60 -2.99 4.69
C PHE D 214 -24.75 -1.97 4.73
N GLU D 215 -25.67 -2.11 5.71
CA GLU D 215 -26.83 -1.24 5.91
C GLU D 215 -26.40 0.19 6.21
N ALA D 216 -25.43 0.38 7.14
CA ALA D 216 -24.91 1.69 7.49
C ALA D 216 -24.16 2.27 6.28
N PHE D 217 -23.45 1.41 5.52
CA PHE D 217 -22.73 1.83 4.33
C PHE D 217 -23.73 2.36 3.28
N LEU D 218 -24.85 1.64 3.07
CA LEU D 218 -25.92 2.04 2.13
C LEU D 218 -26.57 3.37 2.51
N LYS D 219 -26.76 3.59 3.82
CA LYS D 219 -27.39 4.76 4.41
C LYS D 219 -26.52 6.00 4.49
N TYR D 220 -25.20 5.88 4.74
CA TYR D 220 -24.36 7.06 4.96
C TYR D 220 -23.13 7.24 4.07
N ALA D 221 -22.48 6.16 3.61
CA ALA D 221 -21.23 6.27 2.86
C ALA D 221 -21.27 5.91 1.36
N TYR D 222 -22.23 5.06 0.94
CA TYR D 222 -22.36 4.59 -0.44
C TYR D 222 -22.59 5.72 -1.44
N LYS D 223 -21.64 5.86 -2.40
CA LYS D 223 -21.59 6.90 -3.42
C LYS D 223 -22.27 6.53 -4.75
N GLY D 224 -22.31 5.24 -5.07
CA GLY D 224 -22.90 4.73 -6.31
C GLY D 224 -24.42 4.81 -6.38
N ASP D 225 -25.02 4.15 -7.41
CA ASP D 225 -26.48 4.21 -7.63
C ASP D 225 -27.23 2.86 -7.68
N ILE D 226 -26.68 1.84 -8.37
CA ILE D 226 -27.37 0.57 -8.60
C ILE D 226 -27.76 -0.22 -7.32
N LEU D 227 -27.03 -0.10 -6.19
CA LEU D 227 -27.39 -0.84 -4.97
C LEU D 227 -28.63 -0.28 -4.27
N LYS D 228 -28.90 1.03 -4.45
CA LYS D 228 -30.04 1.72 -3.86
C LYS D 228 -31.28 1.52 -4.72
#